data_2NYD
#
_entry.id   2NYD
#
_cell.length_a   132.547
_cell.length_b   132.547
_cell.length_c   125.670
_cell.angle_alpha   90.00
_cell.angle_beta   90.00
_cell.angle_gamma   120.00
#
_symmetry.space_group_name_H-M   'H 3'
#
loop_
_entity.id
_entity.type
_entity.pdbx_description
1 polymer 'UPF0135 protein SA1388'
2 non-polymer 'ZINC ION'
3 water water
#
_entity_poly.entity_id   1
_entity_poly.type   'polypeptide(L)'
_entity_poly.pdbx_seq_one_letter_code
;AMDPMKIADLMTLLDHHVPFSTAESWDNVGLLIGDEDVEVTGVLTALDCTLEVVNEAIEKGYNTIISHHPLIFKGVTSLK
ANGYGLIIRKLIQHDINLIAMHTNLDVNPYGVNMMLAKVMGLKNISIINNQQDVYYKVQTYIPKDNVGPFKDKLSENGLA
QEGNYEYCFFESEGRGQFKPVGEANPTIGQIDKIEDVDEVKIEFMIDAYQKSRAEQLIKQYHPYETPVFDFIEIKQTSLY
GLGVMAEVDNQMTLEDFAADIKSKLNIPSVRFVGESNQKIKRIAIIGGSGIGYEYQAVQQGADVFVTGDIKHHDALDAKI
HGVNLIDINHYSEYVMKEGLKTLLMNWFNIEKINIDVEASTINTDPFQYI
;
_entity_poly.pdbx_strand_id   A,B
#
loop_
_chem_comp.id
_chem_comp.type
_chem_comp.name
_chem_comp.formula
ZN non-polymer 'ZINC ION' 'Zn 2'
#
# COMPACT_ATOMS: atom_id res chain seq x y z
N ASP A 3 40.86 23.26 -20.48
CA ASP A 3 39.95 22.40 -21.31
C ASP A 3 38.65 22.08 -20.53
N PRO A 4 37.58 22.88 -20.76
CA PRO A 4 36.37 22.86 -19.91
C PRO A 4 35.59 21.53 -19.88
N MET A 5 35.13 21.16 -18.70
CA MET A 5 34.43 19.90 -18.48
C MET A 5 33.06 19.88 -19.17
N LYS A 6 32.84 18.83 -19.95
CA LYS A 6 31.58 18.61 -20.65
C LYS A 6 30.78 17.60 -19.85
N ILE A 7 29.49 17.48 -20.18
CA ILE A 7 28.66 16.41 -19.59
C ILE A 7 29.33 15.05 -19.69
N ALA A 8 29.92 14.74 -20.85
CA ALA A 8 30.57 13.43 -21.05
C ALA A 8 31.70 13.19 -20.05
N ASP A 9 32.46 14.26 -19.72
CA ASP A 9 33.55 14.16 -18.75
C ASP A 9 33.02 13.97 -17.32
N LEU A 10 31.96 14.69 -16.98
CA LEU A 10 31.29 14.53 -15.69
C LEU A 10 30.82 13.08 -15.54
N MET A 11 30.14 12.57 -16.58
CA MET A 11 29.64 11.22 -16.56
C MET A 11 30.75 10.21 -16.29
N THR A 12 31.91 10.41 -16.92
CA THR A 12 33.08 9.54 -16.66
C THR A 12 33.57 9.53 -15.20
N LEU A 13 33.68 10.73 -14.64
CA LEU A 13 34.13 10.93 -13.26
C LEU A 13 33.15 10.32 -12.24
N LEU A 14 31.85 10.60 -12.42
CA LEU A 14 30.79 10.01 -11.59
C LEU A 14 30.78 8.49 -11.65
N ASP A 15 30.98 7.95 -12.84
CA ASP A 15 31.04 6.50 -13.02
C ASP A 15 32.27 5.91 -12.33
N HIS A 16 33.36 6.66 -12.33
CA HIS A 16 34.55 6.22 -11.64
C HIS A 16 34.26 6.02 -10.15
N HIS A 17 33.68 7.02 -9.51
CA HIS A 17 33.47 7.01 -8.06
C HIS A 17 32.19 6.28 -7.58
N VAL A 18 31.16 6.29 -8.40
CA VAL A 18 29.89 5.65 -8.11
C VAL A 18 29.38 4.91 -9.37
N PRO A 19 30.00 3.77 -9.69
CA PRO A 19 29.80 3.05 -10.94
C PRO A 19 28.34 2.81 -11.23
N PHE A 20 27.91 3.25 -12.42
CA PHE A 20 26.50 3.15 -12.79
C PHE A 20 26.08 1.70 -12.95
N SER A 21 27.03 0.80 -13.14
CA SER A 21 26.74 -0.63 -13.25
C SER A 21 26.38 -1.27 -11.91
N THR A 22 26.64 -0.59 -10.79
CA THR A 22 26.17 -1.11 -9.48
C THR A 22 24.68 -0.84 -9.22
N ALA A 23 24.05 -0.09 -10.10
CA ALA A 23 22.63 0.19 -10.01
C ALA A 23 21.86 -1.10 -10.32
N GLU A 24 20.65 -1.26 -9.76
CA GLU A 24 19.81 -2.43 -10.08
C GLU A 24 19.43 -2.48 -11.58
N SER A 25 19.18 -3.68 -12.10
CA SER A 25 18.90 -3.82 -13.54
C SER A 25 17.57 -3.17 -13.93
N TRP A 26 16.64 -3.08 -13.00
CA TRP A 26 15.36 -2.40 -13.29
C TRP A 26 15.45 -0.87 -13.30
N ASP A 27 16.55 -0.32 -12.81
CA ASP A 27 16.67 1.13 -12.53
C ASP A 27 16.95 1.94 -13.81
N ASN A 28 16.84 3.24 -13.73
CA ASN A 28 17.11 4.06 -14.87
C ASN A 28 18.06 5.17 -14.39
N VAL A 29 19.35 5.02 -14.71
CA VAL A 29 20.42 5.89 -14.20
C VAL A 29 21.29 6.45 -15.33
N GLY A 30 22.08 7.49 -15.02
CA GLY A 30 22.97 8.12 -15.98
C GLY A 30 22.40 9.40 -16.48
N LEU A 31 22.85 9.81 -17.65
CA LEU A 31 22.30 10.96 -18.32
C LEU A 31 20.89 10.64 -18.82
N LEU A 32 19.89 11.21 -18.19
CA LEU A 32 18.51 10.95 -18.59
C LEU A 32 18.00 11.96 -19.59
N ILE A 33 18.40 13.23 -19.45
CA ILE A 33 17.91 14.29 -20.31
C ILE A 33 19.13 15.17 -20.56
N GLY A 34 19.58 15.30 -21.81
CA GLY A 34 20.66 16.24 -22.04
C GLY A 34 21.48 15.94 -23.27
N ASP A 35 22.63 16.58 -23.34
CA ASP A 35 23.53 16.57 -24.48
C ASP A 35 24.95 16.44 -23.89
N GLU A 36 25.60 15.32 -24.14
CA GLU A 36 26.86 15.03 -23.53
C GLU A 36 28.02 15.94 -23.97
N ASP A 37 27.82 16.68 -25.08
CA ASP A 37 28.82 17.60 -25.61
C ASP A 37 28.77 18.97 -24.93
N VAL A 38 27.73 19.23 -24.14
CA VAL A 38 27.55 20.54 -23.51
C VAL A 38 28.51 20.76 -22.31
N GLU A 39 29.08 21.97 -22.23
CA GLU A 39 30.01 22.33 -21.16
C GLU A 39 29.21 22.59 -19.88
N VAL A 40 29.61 21.96 -18.80
CA VAL A 40 28.95 22.15 -17.51
C VAL A 40 29.22 23.55 -16.92
N THR A 41 28.17 24.33 -16.66
CA THR A 41 28.36 25.64 -16.05
C THR A 41 28.30 25.57 -14.51
N GLY A 42 27.74 24.46 -13.98
CA GLY A 42 27.54 24.32 -12.54
C GLY A 42 26.60 23.16 -12.25
N VAL A 43 26.70 22.61 -11.05
CA VAL A 43 25.97 21.40 -10.71
C VAL A 43 25.08 21.59 -9.46
N LEU A 44 23.77 21.35 -9.60
CA LEU A 44 22.84 21.40 -8.48
C LEU A 44 22.45 19.96 -8.12
N THR A 45 22.59 19.61 -6.85
CA THR A 45 22.19 18.27 -6.40
C THR A 45 20.77 18.28 -5.87
N ALA A 46 20.07 17.16 -6.05
CA ALA A 46 18.61 17.12 -5.81
C ALA A 46 18.18 15.72 -5.40
N LEU A 47 17.16 15.61 -4.56
CA LEU A 47 16.59 14.28 -4.31
C LEU A 47 15.63 13.98 -5.45
N ASP A 48 14.56 14.79 -5.55
CA ASP A 48 13.62 14.78 -6.65
C ASP A 48 13.77 16.05 -7.48
N CYS A 49 13.81 15.87 -8.79
CA CYS A 49 13.90 17.01 -9.68
C CYS A 49 12.51 17.54 -9.95
N THR A 50 12.02 18.43 -9.09
CA THR A 50 10.72 19.02 -9.27
C THR A 50 10.86 20.26 -10.18
N LEU A 51 9.73 20.81 -10.59
CA LEU A 51 9.72 22.04 -11.36
C LEU A 51 10.42 23.18 -10.60
N GLU A 52 10.23 23.25 -9.28
CA GLU A 52 10.92 24.25 -8.46
C GLU A 52 12.45 24.08 -8.48
N VAL A 53 12.91 22.83 -8.51
CA VAL A 53 14.36 22.56 -8.60
C VAL A 53 14.92 23.01 -9.96
N VAL A 54 14.17 22.74 -11.04
CA VAL A 54 14.56 23.26 -12.37
C VAL A 54 14.65 24.80 -12.37
N ASN A 55 13.64 25.46 -11.81
CA ASN A 55 13.62 26.94 -11.66
C ASN A 55 14.82 27.46 -10.87
N GLU A 56 15.22 26.71 -9.84
CA GLU A 56 16.40 27.02 -9.04
C GLU A 56 17.70 26.91 -9.83
N ALA A 57 17.92 25.79 -10.53
CA ALA A 57 19.06 25.67 -11.47
C ALA A 57 19.17 26.87 -12.45
N ILE A 58 18.07 27.20 -13.09
CA ILE A 58 18.01 28.31 -14.07
C ILE A 58 18.45 29.62 -13.41
N GLU A 59 17.85 29.90 -12.25
CA GLU A 59 18.14 31.03 -11.37
C GLU A 59 19.63 31.12 -11.04
N LYS A 60 20.22 30.00 -10.64
CA LYS A 60 21.64 29.98 -10.26
C LYS A 60 22.60 29.98 -11.43
N GLY A 61 22.07 29.94 -12.64
CA GLY A 61 22.89 29.78 -13.85
C GLY A 61 23.57 28.44 -13.99
N TYR A 62 22.92 27.37 -13.49
CA TYR A 62 23.51 26.02 -13.53
C TYR A 62 22.84 25.21 -14.62
N ASN A 63 23.61 24.52 -15.46
CA ASN A 63 22.96 23.77 -16.53
C ASN A 63 22.98 22.28 -16.30
N THR A 64 23.32 21.85 -15.08
CA THR A 64 23.44 20.42 -14.75
C THR A 64 22.78 20.19 -13.38
N ILE A 65 21.84 19.23 -13.36
CA ILE A 65 21.22 18.74 -12.13
C ILE A 65 21.54 17.27 -11.96
N ILE A 66 22.01 16.89 -10.77
CA ILE A 66 22.16 15.47 -10.42
C ILE A 66 21.14 15.13 -9.32
N SER A 67 20.18 14.27 -9.66
CA SER A 67 19.11 13.89 -8.71
C SER A 67 19.40 12.45 -8.29
N HIS A 68 18.86 12.06 -7.13
CA HIS A 68 18.89 10.69 -6.72
C HIS A 68 17.82 9.97 -7.49
N HIS A 69 16.58 10.44 -7.35
CA HIS A 69 15.44 9.75 -7.99
C HIS A 69 15.36 10.04 -9.50
N PRO A 70 15.19 8.99 -10.32
CA PRO A 70 15.15 9.27 -11.76
C PRO A 70 13.84 9.93 -12.17
N LEU A 71 13.92 11.09 -12.82
CA LEU A 71 12.72 11.80 -13.21
C LEU A 71 11.93 10.98 -14.26
N ILE A 72 12.66 10.26 -15.08
CA ILE A 72 12.05 9.33 -16.03
C ILE A 72 12.44 7.98 -15.47
N PHE A 73 11.45 7.18 -15.12
CA PHE A 73 11.78 5.87 -14.58
C PHE A 73 11.22 4.83 -15.55
N LYS A 74 9.91 4.68 -15.59
CA LYS A 74 9.34 3.88 -16.67
C LYS A 74 9.31 4.78 -17.91
N GLY A 75 9.31 4.19 -19.10
CA GLY A 75 9.29 5.05 -20.26
C GLY A 75 8.13 6.06 -20.28
N VAL A 76 8.43 7.29 -20.69
CA VAL A 76 7.45 8.36 -20.88
C VAL A 76 6.71 8.04 -22.14
N THR A 77 5.41 8.16 -22.08
CA THR A 77 4.53 7.82 -23.19
C THR A 77 4.14 9.10 -23.94
N SER A 78 4.17 10.22 -23.22
CA SER A 78 4.00 11.52 -23.88
C SER A 78 4.75 12.62 -23.14
N LEU A 79 4.92 13.75 -23.81
CA LEU A 79 5.65 14.90 -23.25
C LEU A 79 4.86 16.14 -23.54
N LYS A 80 3.86 16.34 -22.71
CA LYS A 80 2.95 17.44 -22.80
C LYS A 80 3.21 18.48 -21.72
N ALA A 81 2.61 19.65 -21.86
CA ALA A 81 2.82 20.73 -20.90
C ALA A 81 1.94 20.53 -19.67
N ASN A 82 2.15 19.42 -18.99
CA ASN A 82 1.32 19.08 -17.84
C ASN A 82 2.07 18.03 -17.01
N GLY A 83 1.93 18.04 -15.67
CA GLY A 83 2.49 16.94 -14.87
C GLY A 83 4.00 16.89 -14.99
N TYR A 84 4.53 15.68 -15.04
CA TYR A 84 5.97 15.49 -15.22
C TYR A 84 6.44 16.02 -16.61
N GLY A 85 5.51 16.06 -17.58
CA GLY A 85 5.82 16.58 -18.92
C GLY A 85 6.40 17.99 -18.83
N LEU A 86 5.90 18.76 -17.87
CA LEU A 86 6.23 20.16 -17.68
C LEU A 86 7.67 20.29 -17.24
N ILE A 87 8.10 19.42 -16.34
CA ILE A 87 9.44 19.49 -15.86
C ILE A 87 10.45 19.06 -16.95
N ILE A 88 10.14 17.95 -17.62
CA ILE A 88 11.01 17.41 -18.69
C ILE A 88 11.15 18.44 -19.82
N ARG A 89 10.01 19.00 -20.23
CA ARG A 89 10.02 20.05 -21.27
C ARG A 89 10.79 21.30 -20.81
N LYS A 90 10.60 21.77 -19.58
CA LYS A 90 11.39 22.89 -19.09
C LYS A 90 12.88 22.63 -19.11
N LEU A 91 13.32 21.46 -18.67
CA LEU A 91 14.75 21.12 -18.78
C LEU A 91 15.29 21.31 -20.20
N ILE A 92 14.65 20.63 -21.14
CA ILE A 92 15.04 20.65 -22.54
C ILE A 92 15.02 22.07 -23.13
N GLN A 93 13.92 22.78 -22.93
CA GLN A 93 13.80 24.13 -23.44
C GLN A 93 14.84 25.11 -22.81
N HIS A 94 15.40 24.78 -21.64
CA HIS A 94 16.42 25.66 -21.04
C HIS A 94 17.77 25.06 -21.13
N ASP A 95 17.90 23.99 -21.94
CA ASP A 95 19.18 23.33 -22.11
C ASP A 95 19.80 22.89 -20.74
N ILE A 96 18.96 22.36 -19.86
CA ILE A 96 19.48 21.79 -18.59
C ILE A 96 19.62 20.28 -18.73
N ASN A 97 20.78 19.80 -18.29
CA ASN A 97 21.11 18.39 -18.30
C ASN A 97 20.76 17.74 -16.97
N LEU A 98 20.06 16.61 -17.03
CA LEU A 98 19.66 15.90 -15.82
C LEU A 98 20.30 14.54 -15.77
N ILE A 99 21.03 14.29 -14.69
CA ILE A 99 21.71 13.02 -14.45
C ILE A 99 21.08 12.38 -13.22
N ALA A 100 20.86 11.08 -13.28
CA ALA A 100 20.32 10.32 -12.14
C ALA A 100 21.36 9.34 -11.57
N MET A 101 21.68 9.51 -10.29
CA MET A 101 22.56 8.60 -9.55
C MET A 101 21.63 8.04 -8.49
N HIS A 102 20.95 6.96 -8.90
CA HIS A 102 19.92 6.38 -8.12
C HIS A 102 20.46 5.19 -7.35
N THR A 103 20.08 3.95 -7.74
CA THR A 103 20.48 2.81 -6.90
C THR A 103 21.98 2.61 -6.79
N ASN A 104 22.75 3.08 -7.80
CA ASN A 104 24.20 3.12 -7.64
C ASN A 104 24.66 3.95 -6.42
N LEU A 105 23.98 5.06 -6.14
CA LEU A 105 24.25 5.83 -4.92
C LEU A 105 23.74 5.14 -3.62
N ASP A 106 22.59 4.46 -3.70
CA ASP A 106 22.08 3.69 -2.54
C ASP A 106 23.06 2.59 -2.09
N VAL A 107 23.82 2.01 -3.02
CA VAL A 107 24.71 0.90 -2.64
C VAL A 107 26.18 1.31 -2.51
N ASN A 108 26.47 2.59 -2.73
CA ASN A 108 27.86 3.03 -2.66
C ASN A 108 28.35 3.11 -1.21
N PRO A 109 29.64 2.74 -0.98
CA PRO A 109 30.28 2.89 0.34
C PRO A 109 30.24 4.31 0.89
N TYR A 110 30.16 5.31 0.02
CA TYR A 110 30.01 6.72 0.43
C TYR A 110 28.62 7.29 0.11
N GLY A 111 27.65 6.42 -0.17
CA GLY A 111 26.34 6.88 -0.70
C GLY A 111 25.29 7.13 0.37
N VAL A 112 24.02 6.86 0.00
CA VAL A 112 22.87 7.29 0.77
C VAL A 112 22.90 6.82 2.21
N ASN A 113 23.29 5.59 2.39
CA ASN A 113 23.25 4.99 3.73
C ASN A 113 24.44 5.32 4.68
N MET A 114 25.63 5.46 4.11
CA MET A 114 26.75 6.11 4.82
C MET A 114 26.32 7.49 5.25
N MET A 115 25.71 8.22 4.31
CA MET A 115 25.26 9.60 4.56
C MET A 115 24.23 9.70 5.65
N LEU A 116 23.24 8.81 5.62
CA LEU A 116 22.28 8.71 6.72
C LEU A 116 22.97 8.40 8.05
N ALA A 117 23.82 7.39 8.08
CA ALA A 117 24.49 6.98 9.33
C ALA A 117 25.37 8.12 9.87
N LYS A 118 26.11 8.81 9.00
CA LYS A 118 26.86 10.03 9.44
C LYS A 118 25.97 11.10 10.01
N VAL A 119 24.84 11.41 9.37
CA VAL A 119 23.93 12.46 9.85
C VAL A 119 23.35 12.11 11.23
N MET A 120 23.23 10.80 11.48
CA MET A 120 22.82 10.26 12.80
C MET A 120 23.90 10.19 13.88
N GLY A 121 25.12 10.53 13.49
CA GLY A 121 26.32 10.50 14.31
C GLY A 121 26.78 9.11 14.67
N LEU A 122 26.58 8.13 13.78
CA LEU A 122 26.95 6.76 14.07
C LEU A 122 28.42 6.41 13.82
N LYS A 123 28.82 5.29 14.40
CA LYS A 123 30.20 4.80 14.50
C LYS A 123 30.23 3.40 13.90
N ASN A 124 31.42 2.96 13.50
CA ASN A 124 31.67 1.62 12.96
C ASN A 124 30.71 1.26 11.82
N ILE A 125 30.63 2.14 10.84
CA ILE A 125 29.66 2.03 9.76
C ILE A 125 30.21 1.14 8.69
N SER A 126 29.53 0.05 8.36
CA SER A 126 29.95 -0.77 7.22
C SER A 126 28.77 -1.15 6.31
N ILE A 127 29.07 -1.24 5.02
CA ILE A 127 28.12 -1.72 4.03
C ILE A 127 27.60 -3.11 4.41
N ILE A 128 26.29 -3.33 4.26
CA ILE A 128 25.72 -4.67 4.38
C ILE A 128 25.06 -5.09 3.05
N ASN A 129 24.62 -6.36 2.97
CA ASN A 129 23.92 -6.87 1.79
C ASN A 129 24.78 -6.82 0.53
N ASN A 130 26.07 -7.10 0.70
CA ASN A 130 27.10 -6.84 -0.33
C ASN A 130 26.81 -7.58 -1.62
N GLN A 131 27.05 -6.90 -2.75
CA GLN A 131 26.99 -7.52 -4.08
C GLN A 131 28.15 -8.57 -4.22
N GLN A 132 28.13 -9.37 -5.30
CA GLN A 132 29.27 -10.26 -5.59
C GLN A 132 29.93 -9.85 -6.91
N ASP A 133 31.24 -9.59 -6.86
CA ASP A 133 32.02 -9.28 -8.04
C ASP A 133 32.61 -10.55 -8.64
N VAL A 134 32.49 -10.68 -9.96
CA VAL A 134 33.10 -11.80 -10.69
C VAL A 134 34.46 -11.34 -11.22
N TYR A 135 35.49 -12.10 -10.84
CA TYR A 135 36.88 -11.88 -11.23
C TYR A 135 37.49 -13.24 -11.62
N TYR A 136 38.21 -13.31 -12.74
CA TYR A 136 38.82 -14.57 -13.19
C TYR A 136 40.28 -14.65 -12.81
N LYS A 137 40.71 -15.76 -12.24
CA LYS A 137 42.15 -16.05 -12.14
C LYS A 137 42.59 -16.86 -13.36
N VAL A 138 43.49 -16.26 -14.12
CA VAL A 138 43.96 -16.83 -15.38
C VAL A 138 45.18 -17.72 -15.15
N GLN A 139 45.12 -18.92 -15.73
CA GLN A 139 46.20 -19.90 -15.63
C GLN A 139 46.67 -20.34 -17.00
N GLU A 203 49.90 -17.69 -12.90
CA GLU A 203 48.55 -17.20 -12.60
C GLU A 203 48.50 -15.71 -12.24
N PHE A 204 47.42 -15.04 -12.68
CA PHE A 204 47.19 -13.62 -12.42
C PHE A 204 45.69 -13.30 -12.44
N MET A 205 45.33 -12.08 -12.02
CA MET A 205 43.94 -11.65 -11.90
C MET A 205 43.43 -10.90 -13.14
N ILE A 206 42.14 -11.05 -13.44
CA ILE A 206 41.45 -10.18 -14.43
C ILE A 206 40.01 -9.82 -14.02
N ASP A 207 39.49 -8.76 -14.63
CA ASP A 207 38.14 -8.26 -14.34
C ASP A 207 37.13 -8.86 -15.33
N ALA A 208 35.90 -8.39 -15.25
CA ALA A 208 34.78 -8.87 -16.08
C ALA A 208 35.07 -8.87 -17.60
N TYR A 209 35.33 -7.69 -18.14
CA TYR A 209 35.55 -7.47 -19.57
C TYR A 209 36.90 -8.02 -20.06
N GLN A 210 37.85 -8.13 -19.14
CA GLN A 210 39.21 -8.58 -19.47
C GLN A 210 39.30 -10.00 -20.05
N LYS A 211 38.24 -10.79 -19.86
CA LYS A 211 38.18 -12.21 -20.28
C LYS A 211 38.19 -12.42 -21.79
N SER A 212 37.76 -11.41 -22.54
CA SER A 212 37.71 -11.48 -24.00
C SER A 212 39.09 -11.20 -24.59
N ARG A 213 39.63 -10.03 -24.24
CA ARG A 213 40.89 -9.54 -24.75
C ARG A 213 42.08 -10.40 -24.33
N ALA A 214 42.00 -11.00 -23.15
CA ALA A 214 43.06 -11.87 -22.65
C ALA A 214 43.23 -13.16 -23.49
N GLU A 215 42.13 -13.64 -24.08
CA GLU A 215 42.21 -14.71 -25.08
C GLU A 215 42.77 -14.11 -26.38
N GLN A 216 42.22 -12.96 -26.76
CA GLN A 216 42.63 -12.24 -27.97
C GLN A 216 44.12 -11.86 -27.93
N LEU A 217 44.64 -11.69 -26.71
CA LEU A 217 46.08 -11.44 -26.46
C LEU A 217 46.91 -12.72 -26.28
N ILE A 218 46.40 -13.65 -25.45
CA ILE A 218 47.09 -14.92 -25.15
C ILE A 218 47.13 -15.94 -26.31
N LYS A 219 46.34 -15.69 -27.35
CA LYS A 219 46.36 -16.52 -28.57
C LYS A 219 47.28 -15.92 -29.65
N GLN A 220 48.43 -15.43 -29.22
CA GLN A 220 49.50 -14.96 -30.10
C GLN A 220 50.87 -15.14 -29.44
N THR A 226 49.54 -22.38 -30.90
CA THR A 226 48.95 -23.35 -29.96
C THR A 226 49.44 -23.16 -28.49
N PRO A 227 48.69 -22.39 -27.68
CA PRO A 227 48.78 -22.32 -26.20
C PRO A 227 47.54 -22.86 -25.41
N VAL A 228 47.81 -23.63 -24.34
CA VAL A 228 46.77 -24.19 -23.45
C VAL A 228 46.55 -23.31 -22.19
N PHE A 229 45.39 -22.64 -22.09
CA PHE A 229 45.11 -21.70 -20.99
C PHE A 229 43.74 -21.89 -20.28
N ASP A 230 43.56 -21.24 -19.13
CA ASP A 230 42.33 -21.37 -18.34
C ASP A 230 41.90 -20.08 -17.66
N PHE A 231 40.61 -19.78 -17.78
CA PHE A 231 39.97 -18.73 -16.99
C PHE A 231 39.12 -19.32 -15.85
N ILE A 232 39.59 -19.15 -14.62
CA ILE A 232 38.84 -19.66 -13.47
C ILE A 232 37.99 -18.56 -12.82
N GLU A 233 36.67 -18.75 -12.84
CA GLU A 233 35.73 -17.82 -12.18
C GLU A 233 35.97 -17.84 -10.69
N ILE A 234 36.30 -16.68 -10.13
CA ILE A 234 36.32 -16.50 -8.68
C ILE A 234 35.31 -15.38 -8.34
N LYS A 235 34.54 -15.62 -7.27
CA LYS A 235 33.51 -14.72 -6.80
C LYS A 235 34.05 -14.01 -5.57
N GLN A 236 33.90 -12.69 -5.57
CA GLN A 236 34.47 -11.83 -4.54
C GLN A 236 33.35 -10.97 -3.93
N THR A 237 33.28 -10.92 -2.60
CA THR A 237 32.37 -9.99 -1.89
C THR A 237 32.70 -8.57 -2.32
N SER A 238 31.69 -7.89 -2.85
CA SER A 238 31.80 -6.52 -3.33
C SER A 238 31.94 -5.50 -2.19
N LEU A 239 32.42 -4.32 -2.54
CA LEU A 239 32.43 -3.17 -1.64
C LEU A 239 31.04 -2.54 -1.61
N TYR A 240 30.22 -2.87 -2.61
CA TYR A 240 28.94 -2.23 -2.86
C TYR A 240 27.86 -3.08 -2.23
N GLY A 241 26.89 -2.42 -1.58
CA GLY A 241 25.74 -3.14 -1.02
C GLY A 241 24.65 -2.22 -0.51
N LEU A 242 23.42 -2.73 -0.44
CA LEU A 242 22.27 -1.94 -0.04
C LEU A 242 22.13 -1.93 1.47
N GLY A 243 22.38 -0.76 2.06
CA GLY A 243 22.33 -0.64 3.49
C GLY A 243 23.71 -0.54 4.15
N VAL A 244 23.71 -0.03 5.38
CA VAL A 244 24.89 -0.04 6.26
C VAL A 244 24.45 -0.58 7.59
N MET A 245 25.36 -1.24 8.32
CA MET A 245 25.20 -1.52 9.76
C MET A 245 26.11 -0.50 10.47
N ALA A 246 25.73 -0.03 11.65
CA ALA A 246 26.48 1.00 12.34
C ALA A 246 26.05 0.91 13.81
N GLU A 247 26.61 1.77 14.64
CA GLU A 247 26.29 1.69 16.04
C GLU A 247 26.32 3.03 16.74
N VAL A 248 25.53 3.14 17.80
CA VAL A 248 25.67 4.29 18.69
C VAL A 248 26.88 4.07 19.62
N ASP A 249 27.44 5.16 20.14
CA ASP A 249 28.51 5.13 21.18
C ASP A 249 28.11 4.39 22.43
N ASN A 250 26.90 4.69 22.90
CA ASN A 250 26.35 4.05 24.06
C ASN A 250 24.95 3.63 23.78
N GLN A 251 24.62 2.46 24.27
CA GLN A 251 23.30 1.93 24.25
C GLN A 251 22.27 2.98 24.64
N MET A 252 21.17 3.01 23.91
CA MET A 252 20.09 3.92 24.25
C MET A 252 18.78 3.21 24.00
N THR A 253 17.71 3.72 24.59
CA THR A 253 16.41 3.13 24.32
C THR A 253 15.95 3.39 22.86
N LEU A 254 15.10 2.50 22.35
CA LEU A 254 14.47 2.65 21.04
C LEU A 254 13.78 4.02 20.90
N GLU A 255 12.97 4.40 21.87
CA GLU A 255 12.35 5.74 21.92
C GLU A 255 13.36 6.90 21.86
N ASP A 256 14.40 6.84 22.68
CA ASP A 256 15.42 7.89 22.68
C ASP A 256 16.19 7.96 21.33
N PHE A 257 16.51 6.80 20.76
CA PHE A 257 17.19 6.76 19.47
C PHE A 257 16.32 7.35 18.37
N ALA A 258 15.05 6.94 18.30
CA ALA A 258 14.09 7.52 17.35
C ALA A 258 14.00 9.06 17.48
N ALA A 259 13.89 9.55 18.72
CA ALA A 259 13.85 10.99 19.00
C ALA A 259 15.14 11.67 18.59
N ASP A 260 16.26 11.02 18.85
CA ASP A 260 17.57 11.56 18.48
C ASP A 260 17.68 11.77 16.97
N ILE A 261 17.33 10.74 16.19
CA ILE A 261 17.41 10.84 14.73
C ILE A 261 16.33 11.76 14.11
N LYS A 262 15.16 11.83 14.73
CA LYS A 262 14.16 12.80 14.35
C LYS A 262 14.75 14.20 14.35
N SER A 263 15.40 14.54 15.48
CA SER A 263 16.03 15.84 15.65
C SER A 263 17.19 16.03 14.67
N LYS A 264 18.11 15.08 14.61
CA LYS A 264 19.26 15.22 13.70
C LYS A 264 18.88 15.35 12.21
N LEU A 265 17.84 14.65 11.78
CA LEU A 265 17.41 14.74 10.37
C LEU A 265 16.33 15.76 10.09
N ASN A 266 15.98 16.57 11.11
CA ASN A 266 14.92 17.55 11.01
C ASN A 266 13.62 16.93 10.47
N ILE A 267 13.19 15.83 11.07
CA ILE A 267 11.97 15.12 10.58
C ILE A 267 10.76 15.60 11.35
N PRO A 268 9.67 15.97 10.68
CA PRO A 268 8.48 16.45 11.37
C PRO A 268 7.81 15.44 12.26
N SER A 269 7.93 14.16 11.88
CA SER A 269 7.25 13.05 12.54
C SER A 269 8.04 11.79 12.28
N VAL A 270 8.36 11.06 13.34
CA VAL A 270 8.94 9.72 13.20
C VAL A 270 8.01 8.71 13.91
N ARG A 271 8.04 7.47 13.47
CA ARG A 271 7.28 6.39 14.12
C ARG A 271 8.13 5.15 14.28
N PHE A 272 7.97 4.42 15.39
CA PHE A 272 8.77 3.23 15.60
C PHE A 272 7.92 2.03 15.99
N VAL A 273 8.50 0.87 15.79
CA VAL A 273 7.84 -0.41 16.07
C VAL A 273 8.73 -1.14 17.08
N GLY A 274 8.18 -1.45 18.24
CA GLY A 274 8.96 -2.14 19.28
C GLY A 274 8.74 -1.41 20.58
N GLU A 275 9.07 -2.07 21.70
CA GLU A 275 8.83 -1.46 23.03
C GLU A 275 9.71 -0.22 23.16
N SER A 276 9.20 0.86 23.77
CA SER A 276 9.96 2.09 23.78
C SER A 276 11.28 1.94 24.57
N ASN A 277 11.29 1.01 25.52
CA ASN A 277 12.46 0.77 26.37
C ASN A 277 13.39 -0.35 25.86
N GLN A 278 13.14 -0.90 24.66
CA GLN A 278 14.14 -1.79 24.01
C GLN A 278 15.49 -1.07 23.91
N LYS A 279 16.56 -1.82 24.11
CA LYS A 279 17.88 -1.25 24.07
C LYS A 279 18.52 -1.43 22.71
N ILE A 280 19.06 -0.33 22.20
CA ILE A 280 19.62 -0.27 20.85
C ILE A 280 21.10 0.00 20.91
N LYS A 281 21.87 -0.83 20.22
CA LYS A 281 23.30 -0.57 20.03
C LYS A 281 23.66 -0.64 18.53
N ARG A 282 23.27 -1.71 17.86
CA ARG A 282 23.57 -1.92 16.45
C ARG A 282 22.35 -1.56 15.58
N ILE A 283 22.59 -0.78 14.54
CA ILE A 283 21.51 -0.21 13.71
C ILE A 283 21.76 -0.48 12.25
N ALA A 284 20.74 -1.02 11.56
CA ALA A 284 20.76 -1.23 10.10
C ALA A 284 19.90 -0.17 9.45
N ILE A 285 20.44 0.45 8.42
CA ILE A 285 19.75 1.55 7.76
C ILE A 285 19.66 1.29 6.23
N ILE A 286 18.46 1.36 5.67
CA ILE A 286 18.28 1.46 4.20
C ILE A 286 17.37 2.64 3.94
N GLY A 287 17.96 3.69 3.39
CA GLY A 287 17.16 4.87 3.08
C GLY A 287 16.15 4.62 1.98
N GLY A 288 15.02 5.34 2.04
CA GLY A 288 13.99 5.18 0.98
C GLY A 288 12.91 4.23 1.42
N SER A 289 12.87 3.05 0.80
CA SER A 289 11.85 2.08 1.07
C SER A 289 12.53 0.75 1.09
N GLY A 290 12.95 0.34 2.29
CA GLY A 290 13.79 -0.83 2.47
C GLY A 290 13.11 -2.02 3.13
N ILE A 291 11.82 -1.93 3.40
CA ILE A 291 11.04 -3.09 3.89
C ILE A 291 11.19 -4.25 2.92
N GLY A 292 11.41 -5.45 3.46
CA GLY A 292 11.85 -6.64 2.70
C GLY A 292 13.19 -7.11 3.27
N TYR A 293 13.96 -6.16 3.81
CA TYR A 293 15.28 -6.46 4.36
C TYR A 293 15.39 -6.50 5.88
N GLU A 294 14.29 -6.21 6.59
CA GLU A 294 14.39 -6.10 8.06
C GLU A 294 14.75 -7.43 8.79
N TYR A 295 14.26 -8.57 8.29
CA TYR A 295 14.57 -9.89 8.89
C TYR A 295 16.05 -10.26 8.75
N GLN A 296 16.58 -10.03 7.55
CA GLN A 296 18.00 -10.21 7.24
C GLN A 296 18.88 -9.33 8.13
N ALA A 297 18.44 -8.08 8.34
CA ALA A 297 19.20 -7.13 9.15
C ALA A 297 19.36 -7.64 10.58
N VAL A 298 18.27 -8.12 11.15
CA VAL A 298 18.28 -8.73 12.46
C VAL A 298 19.23 -9.94 12.48
N GLN A 299 19.17 -10.76 11.43
N GLN A 299 19.21 -10.75 11.42
CA GLN A 299 20.11 -11.86 11.21
CA GLN A 299 20.15 -11.87 11.30
C GLN A 299 21.55 -11.34 11.22
C GLN A 299 21.60 -11.40 11.10
N GLN A 300 21.78 -10.17 10.63
CA GLN A 300 23.14 -9.58 10.50
C GLN A 300 23.60 -8.90 11.82
N GLY A 301 22.78 -8.98 12.87
CA GLY A 301 23.05 -8.34 14.16
C GLY A 301 22.34 -7.04 14.56
N ALA A 302 21.47 -6.47 13.71
CA ALA A 302 20.81 -5.21 14.07
C ALA A 302 19.83 -5.35 15.24
N ASP A 303 19.81 -4.34 16.12
CA ASP A 303 18.80 -4.22 17.15
C ASP A 303 17.53 -3.55 16.56
N VAL A 304 17.73 -2.76 15.51
CA VAL A 304 16.66 -1.99 14.86
C VAL A 304 16.95 -1.80 13.36
N PHE A 305 15.90 -1.86 12.53
CA PHE A 305 16.01 -1.57 11.10
C PHE A 305 15.35 -0.20 10.82
N VAL A 306 16.13 0.70 10.22
CA VAL A 306 15.70 2.09 9.96
C VAL A 306 15.48 2.24 8.45
N THR A 307 14.29 2.69 8.06
CA THR A 307 13.95 2.88 6.65
C THR A 307 12.78 3.87 6.54
N GLY A 308 12.19 4.04 5.35
CA GLY A 308 10.99 4.87 5.19
C GLY A 308 9.83 4.08 4.60
N ASP A 309 8.66 4.72 4.47
CA ASP A 309 7.54 4.12 3.71
C ASP A 309 7.10 2.78 4.36
N ILE A 310 7.11 2.72 5.69
CA ILE A 310 6.68 1.48 6.35
C ILE A 310 5.16 1.46 6.42
N LYS A 311 4.56 0.35 5.98
CA LYS A 311 3.13 0.22 6.02
C LYS A 311 2.64 -0.68 7.19
N HIS A 312 1.34 -0.53 7.50
CA HIS A 312 0.73 -1.15 8.67
C HIS A 312 1.05 -2.64 8.81
N HIS A 313 0.86 -3.40 7.75
CA HIS A 313 0.93 -4.87 7.86
C HIS A 313 2.36 -5.34 7.99
N ASP A 314 3.26 -4.65 7.32
CA ASP A 314 4.67 -4.94 7.52
C ASP A 314 5.17 -4.55 8.92
N ALA A 315 4.67 -3.45 9.46
CA ALA A 315 5.02 -3.09 10.84
C ALA A 315 4.43 -4.09 11.85
N LEU A 316 3.19 -4.52 11.60
CA LEU A 316 2.49 -5.46 12.50
C LEU A 316 3.21 -6.82 12.54
N ASP A 317 3.57 -7.33 11.37
CA ASP A 317 4.45 -8.52 11.24
C ASP A 317 5.76 -8.41 12.02
N ALA A 318 6.50 -7.30 11.79
CA ALA A 318 7.74 -7.08 12.55
C ALA A 318 7.47 -7.08 14.05
N LYS A 319 6.43 -6.35 14.46
CA LYS A 319 6.10 -6.28 15.87
C LYS A 319 5.89 -7.67 16.52
N ILE A 320 5.09 -8.50 15.86
CA ILE A 320 4.78 -9.87 16.34
C ILE A 320 6.01 -10.73 16.34
N HIS A 321 6.90 -10.57 15.35
CA HIS A 321 8.19 -11.29 15.36
C HIS A 321 9.29 -10.69 16.24
N GLY A 322 9.03 -9.59 16.95
CA GLY A 322 10.09 -8.96 17.77
C GLY A 322 11.16 -8.25 16.98
N VAL A 323 10.83 -7.82 15.76
CA VAL A 323 11.76 -7.05 14.94
C VAL A 323 11.46 -5.56 15.08
N ASN A 324 12.44 -4.80 15.53
CA ASN A 324 12.21 -3.38 15.80
C ASN A 324 12.49 -2.58 14.53
N LEU A 325 11.65 -1.60 14.31
CA LEU A 325 11.75 -0.72 13.14
C LEU A 325 11.66 0.73 13.53
N ILE A 326 12.20 1.57 12.66
CA ILE A 326 11.92 3.01 12.74
C ILE A 326 11.65 3.47 11.32
N ASP A 327 10.52 4.16 11.15
CA ASP A 327 10.19 4.82 9.90
C ASP A 327 10.64 6.29 10.02
N ILE A 328 11.76 6.61 9.34
CA ILE A 328 12.24 8.00 9.27
C ILE A 328 11.68 8.76 8.04
N ASN A 329 10.79 8.09 7.29
CA ASN A 329 10.21 8.59 6.04
C ASN A 329 11.20 8.45 4.89
N HIS A 330 10.68 7.96 3.76
CA HIS A 330 11.40 7.92 2.50
C HIS A 330 12.10 9.28 2.25
N TYR A 331 11.40 10.38 2.54
CA TYR A 331 11.95 11.71 2.24
C TYR A 331 13.33 11.98 2.93
N SER A 332 13.63 11.27 4.03
CA SER A 332 14.95 11.36 4.65
C SER A 332 16.13 11.08 3.71
N GLU A 333 15.91 10.49 2.54
CA GLU A 333 16.99 10.46 1.52
C GLU A 333 17.46 11.85 1.07
N TYR A 334 16.73 12.90 1.39
CA TYR A 334 17.15 14.29 1.05
C TYR A 334 18.60 14.59 1.52
N VAL A 335 19.08 13.89 2.57
CA VAL A 335 20.48 14.07 3.02
C VAL A 335 21.51 13.88 1.92
N MET A 336 21.14 13.18 0.85
CA MET A 336 22.11 12.99 -0.25
C MET A 336 22.39 14.26 -1.04
N LYS A 337 21.54 15.29 -0.95
CA LYS A 337 21.84 16.55 -1.61
C LYS A 337 23.19 17.17 -1.09
N GLU A 338 23.28 17.37 0.22
CA GLU A 338 24.52 17.91 0.80
C GLU A 338 25.58 16.86 0.72
N GLY A 339 25.23 15.59 0.93
CA GLY A 339 26.21 14.54 0.93
C GLY A 339 26.86 14.44 -0.46
N LEU A 340 26.04 14.54 -1.50
CA LEU A 340 26.57 14.45 -2.88
C LEU A 340 27.36 15.71 -3.26
N LYS A 341 26.91 16.87 -2.80
CA LYS A 341 27.61 18.15 -3.02
C LYS A 341 29.04 18.07 -2.48
N THR A 342 29.18 17.49 -1.28
CA THR A 342 30.47 17.38 -0.64
C THR A 342 31.37 16.41 -1.39
N LEU A 343 30.85 15.23 -1.71
CA LEU A 343 31.61 14.28 -2.53
C LEU A 343 32.10 14.86 -3.84
N LEU A 344 31.21 15.56 -4.54
CA LEU A 344 31.52 16.10 -5.87
C LEU A 344 32.52 17.27 -5.81
N MET A 345 32.40 18.12 -4.80
CA MET A 345 33.42 19.14 -4.57
C MET A 345 34.83 18.54 -4.36
N ASN A 346 34.89 17.46 -3.59
CA ASN A 346 36.14 16.73 -3.35
C ASN A 346 36.74 16.07 -4.60
N TRP A 347 35.88 15.40 -5.37
CA TRP A 347 36.30 14.76 -6.62
C TRP A 347 36.80 15.78 -7.65
N PHE A 348 36.08 16.90 -7.74
CA PHE A 348 36.48 18.04 -8.56
C PHE A 348 37.84 18.57 -8.10
N ASN A 349 38.01 18.75 -6.78
CA ASN A 349 39.31 19.19 -6.22
C ASN A 349 40.48 18.31 -6.69
N ILE A 350 40.33 17.00 -6.51
CA ILE A 350 41.34 16.03 -6.95
C ILE A 350 41.74 16.21 -8.40
N GLU A 351 40.75 16.52 -9.25
CA GLU A 351 40.93 16.65 -10.69
C GLU A 351 41.20 18.11 -11.10
N LYS A 352 41.27 19.00 -10.13
CA LYS A 352 41.44 20.44 -10.38
C LYS A 352 40.38 21.07 -11.31
N ILE A 353 39.13 20.67 -11.13
CA ILE A 353 37.99 21.22 -11.87
C ILE A 353 37.38 22.37 -11.10
N ASN A 354 37.30 23.55 -11.70
CA ASN A 354 36.73 24.71 -11.02
C ASN A 354 35.29 24.94 -11.43
N ILE A 355 34.42 24.04 -10.98
CA ILE A 355 32.98 24.15 -11.22
C ILE A 355 32.28 24.18 -9.88
N ASP A 356 31.34 25.13 -9.76
CA ASP A 356 30.49 25.32 -8.60
C ASP A 356 29.49 24.14 -8.48
N VAL A 357 29.35 23.61 -7.26
CA VAL A 357 28.34 22.58 -6.90
C VAL A 357 27.54 23.10 -5.72
N GLU A 358 26.20 23.10 -5.82
CA GLU A 358 25.32 23.49 -4.72
C GLU A 358 24.28 22.38 -4.49
N ALA A 359 23.91 22.19 -3.22
CA ALA A 359 22.75 21.36 -2.85
C ALA A 359 21.50 22.21 -3.01
N SER A 360 20.50 21.70 -3.73
CA SER A 360 19.20 22.37 -3.78
C SER A 360 18.62 22.60 -2.37
N THR A 361 18.08 23.79 -2.15
CA THR A 361 17.58 24.17 -0.81
C THR A 361 16.08 23.95 -0.73
N ILE A 362 15.49 23.51 -1.83
CA ILE A 362 14.06 23.32 -1.86
C ILE A 362 13.69 22.04 -1.10
N ASN A 363 12.75 22.18 -0.17
CA ASN A 363 12.17 21.03 0.50
C ASN A 363 11.09 20.47 -0.44
N THR A 364 11.36 19.31 -1.03
CA THR A 364 10.52 18.74 -2.10
C THR A 364 9.57 17.64 -1.56
N ASP A 365 9.45 17.53 -0.24
CA ASP A 365 8.57 16.51 0.31
C ASP A 365 7.14 16.83 -0.13
N PRO A 366 6.45 15.91 -0.83
CA PRO A 366 5.01 16.13 -1.11
C PRO A 366 4.12 16.16 0.16
N PHE A 367 4.59 15.59 1.28
CA PHE A 367 3.87 15.55 2.53
C PHE A 367 4.11 16.80 3.35
N GLN A 368 3.00 17.30 3.89
CA GLN A 368 3.04 18.29 4.96
C GLN A 368 2.40 17.65 6.23
N TYR A 369 3.07 17.78 7.36
CA TYR A 369 2.73 17.06 8.57
C TYR A 369 2.04 17.97 9.56
N ILE A 370 1.00 17.46 10.21
CA ILE A 370 0.31 18.20 11.27
C ILE A 370 0.07 17.31 12.49
N ALA B 1 -36.61 -26.34 25.59
CA ALA B 1 -35.11 -26.42 25.55
C ALA B 1 -34.61 -25.37 24.56
N MET B 2 -33.69 -24.58 25.07
CA MET B 2 -33.22 -23.38 24.42
C MET B 2 -32.67 -23.64 23.02
N ASP B 3 -32.51 -22.56 22.27
CA ASP B 3 -31.66 -22.55 21.12
C ASP B 3 -30.63 -21.47 21.39
N PRO B 4 -29.62 -21.78 22.20
CA PRO B 4 -28.57 -20.77 22.38
C PRO B 4 -27.88 -20.55 21.02
N MET B 5 -27.44 -19.33 20.74
CA MET B 5 -26.75 -19.06 19.48
C MET B 5 -25.43 -19.82 19.42
N LYS B 6 -25.24 -20.61 18.34
CA LYS B 6 -23.93 -21.27 18.05
C LYS B 6 -23.14 -20.43 17.05
N ILE B 7 -21.85 -20.73 16.85
CA ILE B 7 -21.09 -19.96 15.82
C ILE B 7 -21.83 -19.97 14.48
N ALA B 8 -22.44 -21.11 14.11
CA ALA B 8 -23.13 -21.23 12.82
C ALA B 8 -24.30 -20.24 12.69
N ASP B 9 -25.07 -20.05 13.77
CA ASP B 9 -26.14 -19.02 13.86
C ASP B 9 -25.54 -17.61 13.75
N LEU B 10 -24.44 -17.35 14.45
CA LEU B 10 -23.81 -16.03 14.31
C LEU B 10 -23.39 -15.80 12.86
N MET B 11 -22.78 -16.79 12.22
CA MET B 11 -22.30 -16.66 10.85
C MET B 11 -23.39 -16.30 9.88
N THR B 12 -24.54 -16.97 10.01
CA THR B 12 -25.73 -16.63 9.21
C THR B 12 -26.18 -15.19 9.40
N LEU B 13 -26.24 -14.75 10.63
CA LEU B 13 -26.65 -13.37 10.92
C LEU B 13 -25.65 -12.36 10.32
N LEU B 14 -24.35 -12.58 10.54
CA LEU B 14 -23.30 -11.71 9.96
C LEU B 14 -23.37 -11.62 8.46
N ASP B 15 -23.52 -12.80 7.85
CA ASP B 15 -23.64 -12.89 6.43
C ASP B 15 -24.88 -12.19 5.88
N HIS B 16 -25.97 -12.19 6.65
CA HIS B 16 -27.20 -11.55 6.19
C HIS B 16 -26.94 -10.04 6.01
N HIS B 17 -26.29 -9.44 7.00
CA HIS B 17 -26.13 -8.00 7.02
C HIS B 17 -24.88 -7.48 6.31
N VAL B 18 -23.85 -8.33 6.17
CA VAL B 18 -22.54 -7.94 5.60
C VAL B 18 -22.03 -9.16 4.83
N PRO B 19 -22.70 -9.45 3.71
CA PRO B 19 -22.52 -10.72 2.98
C PRO B 19 -21.06 -11.03 2.71
N PHE B 20 -20.63 -12.25 3.05
CA PHE B 20 -19.24 -12.62 2.85
C PHE B 20 -18.86 -12.66 1.40
N SER B 21 -19.87 -12.89 0.53
CA SER B 21 -19.66 -12.93 -0.91
C SER B 21 -19.25 -11.56 -1.48
N THR B 22 -19.45 -10.47 -0.74
CA THR B 22 -19.04 -9.15 -1.24
C THR B 22 -17.55 -8.87 -1.00
N ALA B 23 -16.88 -9.79 -0.27
CA ALA B 23 -15.46 -9.68 -0.07
C ALA B 23 -14.73 -9.94 -1.39
N GLU B 24 -13.54 -9.36 -1.57
CA GLU B 24 -12.74 -9.63 -2.77
C GLU B 24 -12.37 -11.09 -2.85
N SER B 25 -12.14 -11.59 -4.07
CA SER B 25 -11.85 -13.01 -4.30
C SER B 25 -10.49 -13.43 -3.77
N TRP B 26 -9.55 -12.49 -3.66
CA TRP B 26 -8.25 -12.80 -3.04
C TRP B 26 -8.34 -12.85 -1.49
N ASP B 27 -9.46 -12.39 -0.92
CA ASP B 27 -9.52 -12.17 0.53
C ASP B 27 -9.78 -13.51 1.27
N ASN B 28 -9.60 -13.49 2.60
CA ASN B 28 -9.87 -14.66 3.42
C ASN B 28 -10.84 -14.30 4.53
N VAL B 29 -12.13 -14.58 4.34
CA VAL B 29 -13.15 -14.05 5.25
C VAL B 29 -14.01 -15.15 5.88
N GLY B 30 -14.69 -14.83 6.97
CA GLY B 30 -15.59 -15.76 7.60
C GLY B 30 -14.96 -16.39 8.81
N LEU B 31 -15.39 -17.60 9.16
CA LEU B 31 -14.86 -18.34 10.34
C LEU B 31 -13.46 -18.83 9.99
N LEU B 32 -12.42 -18.25 10.57
CA LEU B 32 -11.05 -18.63 10.17
C LEU B 32 -10.52 -19.70 11.12
N ILE B 33 -10.92 -19.61 12.37
CA ILE B 33 -10.43 -20.51 13.42
C ILE B 33 -11.61 -20.75 14.34
N GLY B 34 -12.07 -22.00 14.42
CA GLY B 34 -13.08 -22.32 15.42
C GLY B 34 -13.95 -23.51 15.03
N ASP B 35 -15.15 -23.54 15.58
CA ASP B 35 -16.04 -24.68 15.49
C ASP B 35 -17.46 -24.13 15.38
N GLU B 36 -18.12 -24.37 14.25
CA GLU B 36 -19.52 -23.89 13.98
C GLU B 36 -20.54 -24.36 15.04
N ASP B 37 -20.22 -25.47 15.68
CA ASP B 37 -21.15 -26.14 16.58
C ASP B 37 -21.10 -25.53 17.98
N VAL B 38 -20.08 -24.72 18.26
CA VAL B 38 -19.88 -24.16 19.61
C VAL B 38 -20.84 -23.02 19.96
N GLU B 39 -21.32 -23.01 21.21
CA GLU B 39 -22.20 -21.96 21.71
C GLU B 39 -21.37 -20.69 21.99
N VAL B 40 -21.83 -19.57 21.47
CA VAL B 40 -21.18 -18.24 21.67
C VAL B 40 -21.41 -17.68 23.08
N THR B 41 -20.34 -17.38 23.79
CA THR B 41 -20.51 -16.87 25.16
C THR B 41 -20.39 -15.36 25.24
N GLY B 42 -19.80 -14.74 24.21
CA GLY B 42 -19.71 -13.29 24.16
C GLY B 42 -18.87 -12.93 22.95
N VAL B 43 -19.00 -11.70 22.46
CA VAL B 43 -18.28 -11.29 21.24
C VAL B 43 -17.41 -10.03 21.50
N LEU B 44 -16.12 -10.16 21.16
CA LEU B 44 -15.16 -9.09 21.22
C LEU B 44 -14.79 -8.66 19.82
N THR B 45 -15.03 -7.38 19.51
CA THR B 45 -14.59 -6.84 18.18
C THR B 45 -13.15 -6.27 18.19
N ALA B 46 -12.46 -6.39 17.03
CA ALA B 46 -11.04 -6.10 16.96
C ALA B 46 -10.70 -5.64 15.56
N LEU B 47 -9.65 -4.82 15.40
CA LEU B 47 -9.09 -4.57 14.07
C LEU B 47 -8.18 -5.71 13.67
N ASP B 48 -7.16 -5.95 14.49
CA ASP B 48 -6.20 -7.03 14.32
C ASP B 48 -6.33 -7.88 15.56
N CYS B 49 -6.39 -9.20 15.36
CA CYS B 49 -6.50 -10.14 16.48
C CYS B 49 -5.09 -10.42 17.01
N THR B 50 -4.54 -9.54 17.86
CA THR B 50 -3.19 -9.74 18.38
C THR B 50 -3.24 -10.62 19.63
N LEU B 51 -2.07 -10.98 20.19
CA LEU B 51 -2.07 -11.84 21.39
C LEU B 51 -2.81 -11.16 22.53
N GLU B 52 -2.66 -9.85 22.65
CA GLU B 52 -3.31 -9.12 23.75
C GLU B 52 -4.82 -9.16 23.59
N VAL B 53 -5.31 -9.19 22.35
CA VAL B 53 -6.75 -9.25 22.11
C VAL B 53 -7.31 -10.64 22.58
N VAL B 54 -6.59 -11.68 22.26
CA VAL B 54 -6.96 -13.03 22.65
C VAL B 54 -6.99 -13.12 24.18
N ASN B 55 -5.93 -12.60 24.83
CA ASN B 55 -5.88 -12.49 26.31
C ASN B 55 -7.05 -11.72 26.86
N GLU B 56 -7.42 -10.63 26.20
CA GLU B 56 -8.59 -9.85 26.63
C GLU B 56 -9.91 -10.68 26.56
N ALA B 57 -10.10 -11.42 25.47
CA ALA B 57 -11.30 -12.29 25.33
C ALA B 57 -11.34 -13.35 26.43
N ILE B 58 -10.21 -14.01 26.68
CA ILE B 58 -10.12 -14.99 27.75
C ILE B 58 -10.50 -14.37 29.10
N GLU B 59 -9.95 -13.19 29.39
CA GLU B 59 -10.15 -12.52 30.66
C GLU B 59 -11.62 -12.17 30.85
N LYS B 60 -12.28 -11.79 29.76
CA LYS B 60 -13.70 -11.46 29.79
C LYS B 60 -14.69 -12.60 29.72
N GLY B 61 -14.22 -13.82 29.46
CA GLY B 61 -15.11 -14.97 29.31
C GLY B 61 -15.84 -15.00 27.96
N TYR B 62 -15.28 -14.30 26.97
CA TYR B 62 -15.87 -14.33 25.61
C TYR B 62 -15.14 -15.35 24.73
N ASN B 63 -15.87 -16.16 23.96
CA ASN B 63 -15.21 -17.20 23.16
C ASN B 63 -15.22 -16.92 21.65
N THR B 64 -15.60 -15.71 21.27
CA THR B 64 -15.72 -15.35 19.86
C THR B 64 -15.11 -13.96 19.66
N ILE B 65 -14.22 -13.86 18.67
CA ILE B 65 -13.55 -12.61 18.32
C ILE B 65 -13.91 -12.38 16.86
N ILE B 66 -14.47 -11.21 16.55
CA ILE B 66 -14.62 -10.78 15.17
C ILE B 66 -13.61 -9.66 14.85
N SER B 67 -12.66 -9.93 13.95
CA SER B 67 -11.68 -8.94 13.58
C SER B 67 -11.98 -8.44 12.17
N HIS B 68 -11.47 -7.26 11.86
CA HIS B 68 -11.48 -6.78 10.50
C HIS B 68 -10.42 -7.53 9.69
N HIS B 69 -9.16 -7.45 10.12
CA HIS B 69 -8.06 -8.03 9.37
C HIS B 69 -7.99 -9.54 9.63
N PRO B 70 -7.82 -10.34 8.56
CA PRO B 70 -7.77 -11.80 8.74
C PRO B 70 -6.43 -12.20 9.35
N LEU B 71 -6.48 -12.87 10.49
CA LEU B 71 -5.28 -13.30 11.15
C LEU B 71 -4.54 -14.30 10.25
N ILE B 72 -5.29 -15.12 9.53
CA ILE B 72 -4.70 -16.03 8.55
C ILE B 72 -5.06 -15.43 7.21
N PHE B 73 -4.07 -14.98 6.46
CA PHE B 73 -4.35 -14.38 5.17
C PHE B 73 -3.85 -15.29 4.07
N LYS B 74 -2.54 -15.37 3.89
CA LYS B 74 -2.06 -16.42 3.03
C LYS B 74 -1.92 -17.69 3.89
N GLY B 75 -2.16 -18.86 3.32
CA GLY B 75 -2.10 -20.05 4.14
C GLY B 75 -0.90 -20.08 5.08
N VAL B 76 -1.11 -20.52 6.32
CA VAL B 76 0.03 -20.67 7.22
C VAL B 76 0.68 -22.01 6.92
N THR B 77 2.01 -22.05 6.87
CA THR B 77 2.69 -23.32 6.62
C THR B 77 3.15 -24.01 7.91
N SER B 78 3.03 -23.32 9.04
CA SER B 78 3.33 -23.94 10.33
C SER B 78 2.58 -23.29 11.49
N LEU B 79 2.48 -24.01 12.59
CA LEU B 79 1.80 -23.49 13.77
C LEU B 79 2.68 -23.80 14.97
N LYS B 80 3.74 -23.00 15.08
CA LYS B 80 4.71 -23.11 16.17
C LYS B 80 4.44 -22.08 17.25
N ALA B 81 5.10 -22.21 18.41
CA ALA B 81 4.91 -21.31 19.53
C ALA B 81 5.70 -20.04 19.35
N ASN B 82 5.42 -19.29 18.30
CA ASN B 82 6.23 -18.17 17.90
C ASN B 82 5.38 -17.35 16.92
N GLY B 83 5.54 -16.03 16.93
CA GLY B 83 4.97 -15.18 15.90
C GLY B 83 3.47 -15.33 15.87
N TYR B 84 2.93 -15.45 14.66
CA TYR B 84 1.47 -15.59 14.49
C TYR B 84 1.03 -16.98 14.96
N GLY B 85 1.92 -17.97 14.87
CA GLY B 85 1.63 -19.31 15.42
C GLY B 85 1.19 -19.31 16.87
N LEU B 86 1.81 -18.47 17.68
CA LEU B 86 1.50 -18.38 19.10
C LEU B 86 0.06 -17.87 19.34
N ILE B 87 -0.38 -16.92 18.52
CA ILE B 87 -1.73 -16.39 18.63
C ILE B 87 -2.76 -17.47 18.20
N ILE B 88 -2.47 -18.11 17.06
CA ILE B 88 -3.40 -19.10 16.52
C ILE B 88 -3.57 -20.26 17.51
N ARG B 89 -2.45 -20.75 17.99
CA ARG B 89 -2.42 -21.83 18.99
C ARG B 89 -3.14 -21.44 20.26
N LYS B 90 -3.01 -20.20 20.69
CA LYS B 90 -3.68 -19.77 21.91
C LYS B 90 -5.18 -19.74 21.73
N LEU B 91 -5.66 -19.32 20.55
CA LEU B 91 -7.11 -19.36 20.22
C LEU B 91 -7.63 -20.78 20.34
N ILE B 92 -6.92 -21.70 19.71
CA ILE B 92 -7.34 -23.09 19.67
C ILE B 92 -7.31 -23.72 21.05
N GLN B 93 -6.23 -23.48 21.76
CA GLN B 93 -6.09 -24.07 23.08
C GLN B 93 -7.17 -23.59 24.05
N HIS B 94 -7.62 -22.35 23.90
CA HIS B 94 -8.69 -21.82 24.74
C HIS B 94 -10.05 -21.87 24.12
N ASP B 95 -10.20 -22.62 23.02
CA ASP B 95 -11.52 -22.76 22.37
C ASP B 95 -12.15 -21.40 22.03
N ILE B 96 -11.31 -20.48 21.53
CA ILE B 96 -11.79 -19.21 21.04
C ILE B 96 -11.97 -19.27 19.52
N ASN B 97 -13.11 -18.77 19.07
CA ASN B 97 -13.43 -18.71 17.68
C ASN B 97 -13.11 -17.32 17.12
N LEU B 98 -12.55 -17.29 15.90
CA LEU B 98 -12.16 -16.04 15.29
C LEU B 98 -12.81 -15.96 13.92
N ILE B 99 -13.59 -14.91 13.72
CA ILE B 99 -14.23 -14.65 12.44
C ILE B 99 -13.60 -13.38 11.88
N ALA B 100 -13.31 -13.36 10.57
CA ALA B 100 -12.81 -12.18 9.91
C ALA B 100 -13.91 -11.58 9.03
N MET B 101 -14.24 -10.33 9.27
CA MET B 101 -15.12 -9.57 8.39
C MET B 101 -14.27 -8.50 7.75
N HIS B 102 -13.65 -8.87 6.62
CA HIS B 102 -12.61 -8.02 6.07
C HIS B 102 -13.16 -7.15 4.95
N THR B 103 -12.85 -7.45 3.68
CA THR B 103 -13.23 -6.53 2.60
C THR B 103 -14.76 -6.46 2.44
N ASN B 104 -15.50 -7.51 2.83
CA ASN B 104 -16.96 -7.36 2.98
C ASN B 104 -17.40 -6.19 3.87
N LEU B 105 -16.66 -5.94 4.93
CA LEU B 105 -16.97 -4.78 5.79
C LEU B 105 -16.44 -3.48 5.19
N ASP B 106 -15.36 -3.54 4.40
CA ASP B 106 -14.85 -2.37 3.65
C ASP B 106 -15.84 -1.81 2.60
N VAL B 107 -16.65 -2.70 2.05
CA VAL B 107 -17.55 -2.33 0.95
C VAL B 107 -19.01 -2.22 1.35
N ASN B 108 -19.27 -2.45 2.63
CA ASN B 108 -20.63 -2.41 3.11
C ASN B 108 -21.16 -0.97 3.31
N PRO B 109 -22.47 -0.73 2.95
CA PRO B 109 -23.08 0.57 3.20
C PRO B 109 -22.97 1.02 4.64
N TYR B 110 -22.83 0.11 5.60
CA TYR B 110 -22.65 0.52 7.01
C TYR B 110 -21.26 0.21 7.55
N GLY B 111 -20.34 -0.09 6.62
CA GLY B 111 -19.02 -0.65 6.99
C GLY B 111 -17.97 0.41 7.27
N VAL B 112 -16.69 0.06 7.09
CA VAL B 112 -15.52 0.87 7.54
C VAL B 112 -15.56 2.34 7.09
N ASN B 113 -15.91 2.54 5.85
CA ASN B 113 -15.94 3.88 5.27
C ASN B 113 -17.12 4.77 5.63
N MET B 114 -18.32 4.20 5.72
CA MET B 114 -19.44 4.89 6.41
C MET B 114 -19.05 5.28 7.82
N MET B 115 -18.43 4.35 8.57
CA MET B 115 -17.96 4.61 9.93
C MET B 115 -16.92 5.73 9.98
N LEU B 116 -15.92 5.67 9.10
CA LEU B 116 -14.96 6.80 9.01
C LEU B 116 -15.62 8.18 8.76
N ALA B 117 -16.46 8.26 7.74
CA ALA B 117 -17.17 9.48 7.38
C ALA B 117 -18.02 10.04 8.54
N LYS B 118 -18.72 9.14 9.25
CA LYS B 118 -19.50 9.49 10.44
C LYS B 118 -18.66 10.04 11.56
N VAL B 119 -17.52 9.38 11.86
CA VAL B 119 -16.61 9.88 12.91
C VAL B 119 -15.99 11.24 12.54
N MET B 120 -15.81 11.50 11.25
CA MET B 120 -15.34 12.80 10.75
C MET B 120 -16.41 13.91 10.72
N GLY B 121 -17.63 13.55 11.08
CA GLY B 121 -18.74 14.48 11.14
C GLY B 121 -19.26 14.85 9.77
N LEU B 122 -19.11 13.97 8.78
CA LEU B 122 -19.48 14.37 7.41
C LEU B 122 -20.93 14.07 7.11
N LYS B 123 -21.43 14.66 6.03
CA LYS B 123 -22.82 14.56 5.63
C LYS B 123 -22.88 14.04 4.19
N ASN B 124 -24.09 13.66 3.76
CA ASN B 124 -24.37 13.22 2.40
C ASN B 124 -23.45 12.06 1.97
N ILE B 125 -23.34 11.06 2.85
CA ILE B 125 -22.38 9.99 2.68
C ILE B 125 -22.97 8.96 1.74
N SER B 126 -22.24 8.65 0.67
CA SER B 126 -22.68 7.69 -0.33
C SER B 126 -21.56 6.73 -0.72
N ILE B 127 -21.88 5.42 -0.84
CA ILE B 127 -20.95 4.43 -1.34
C ILE B 127 -20.47 4.82 -2.75
N ILE B 128 -19.19 4.57 -3.03
CA ILE B 128 -18.66 4.74 -4.38
C ILE B 128 -17.99 3.44 -4.85
N ASN B 129 -17.51 3.44 -6.09
CA ASN B 129 -16.89 2.26 -6.71
C ASN B 129 -17.79 1.02 -6.65
N ASN B 130 -19.08 1.22 -6.89
CA ASN B 130 -20.09 0.16 -6.75
C ASN B 130 -19.78 -1.13 -7.48
N GLN B 131 -19.99 -2.27 -6.80
CA GLN B 131 -19.92 -3.56 -7.50
C GLN B 131 -21.07 -3.64 -8.52
N GLN B 132 -21.01 -4.64 -9.40
CA GLN B 132 -22.11 -4.93 -10.32
C GLN B 132 -22.59 -6.34 -10.02
N ASP B 133 -23.89 -6.49 -9.81
CA ASP B 133 -24.47 -7.80 -9.58
C ASP B 133 -25.21 -8.27 -10.80
N VAL B 134 -25.01 -9.55 -11.13
CA VAL B 134 -25.61 -10.19 -12.28
C VAL B 134 -26.97 -10.78 -11.91
N TYR B 135 -27.97 -10.42 -12.69
CA TYR B 135 -29.32 -10.95 -12.57
C TYR B 135 -29.70 -11.57 -13.92
N TYR B 136 -30.87 -12.22 -13.97
CA TYR B 136 -31.45 -12.67 -15.25
C TYR B 136 -32.89 -12.23 -15.38
N LYS B 137 -33.23 -11.73 -16.56
CA LYS B 137 -34.62 -11.51 -16.88
C LYS B 137 -35.07 -12.75 -17.60
N VAL B 138 -35.89 -13.55 -16.92
CA VAL B 138 -36.41 -14.77 -17.51
C VAL B 138 -37.70 -14.49 -18.25
N GLN B 139 -37.74 -14.94 -19.50
CA GLN B 139 -38.88 -14.72 -20.38
C GLN B 139 -39.41 -16.07 -20.85
N THR B 140 -40.68 -16.34 -20.54
CA THR B 140 -41.36 -17.52 -21.07
C THR B 140 -42.58 -17.10 -21.90
N TYR B 141 -42.98 -17.98 -22.83
CA TYR B 141 -44.13 -17.77 -23.69
C TYR B 141 -45.19 -18.84 -23.44
N ILE B 142 -46.40 -18.39 -23.08
CA ILE B 142 -47.50 -19.25 -22.66
C ILE B 142 -48.83 -18.74 -23.24
N PRO B 143 -49.75 -19.67 -23.65
CA PRO B 143 -51.08 -19.24 -24.09
C PRO B 143 -51.87 -18.52 -22.99
N LYS B 144 -52.87 -17.73 -23.36
CA LYS B 144 -53.61 -16.88 -22.41
C LYS B 144 -54.44 -17.72 -21.43
N ASP B 145 -55.76 -17.48 -21.39
CA ASP B 145 -56.72 -18.13 -20.48
C ASP B 145 -56.15 -18.61 -19.12
N ASN B 146 -56.45 -19.86 -18.76
CA ASN B 146 -56.19 -20.42 -17.42
C ASN B 146 -54.74 -20.93 -17.21
N VAL B 147 -54.02 -21.15 -18.31
CA VAL B 147 -52.62 -21.62 -18.24
C VAL B 147 -51.65 -20.54 -17.75
N GLY B 148 -52.09 -19.28 -17.77
CA GLY B 148 -51.32 -18.14 -17.23
C GLY B 148 -51.21 -18.13 -15.71
N PRO B 149 -52.35 -18.06 -14.99
CA PRO B 149 -52.32 -18.23 -13.52
C PRO B 149 -51.75 -19.59 -13.10
N PHE B 150 -52.12 -20.65 -13.83
CA PHE B 150 -51.55 -21.99 -13.64
C PHE B 150 -50.01 -21.94 -13.59
N LYS B 151 -49.42 -21.19 -14.54
CA LYS B 151 -47.99 -20.87 -14.49
C LYS B 151 -47.66 -19.97 -13.29
N ASP B 152 -48.24 -18.77 -13.24
CA ASP B 152 -47.96 -17.79 -12.17
C ASP B 152 -47.90 -18.44 -10.79
N LYS B 153 -49.03 -19.02 -10.37
CA LYS B 153 -49.23 -19.65 -9.05
C LYS B 153 -48.19 -20.71 -8.66
N LEU B 154 -47.91 -21.63 -9.57
CA LEU B 154 -46.93 -22.70 -9.34
C LEU B 154 -45.49 -22.19 -9.28
N SER B 155 -45.14 -21.30 -10.22
CA SER B 155 -43.85 -20.62 -10.21
C SER B 155 -43.65 -19.86 -8.89
N GLU B 156 -44.64 -19.06 -8.48
CA GLU B 156 -44.58 -18.29 -7.22
C GLU B 156 -44.59 -19.18 -5.96
N ASN B 157 -45.30 -20.30 -6.05
CA ASN B 157 -45.30 -21.31 -4.99
C ASN B 157 -43.90 -21.86 -4.72
N GLY B 158 -43.17 -22.19 -5.78
CA GLY B 158 -41.84 -22.77 -5.66
C GLY B 158 -40.71 -21.76 -5.54
N LEU B 159 -41.01 -20.60 -4.95
CA LEU B 159 -40.08 -19.43 -4.83
C LEU B 159 -40.22 -18.50 -6.03
N ALA B 160 -39.13 -17.83 -6.43
CA ALA B 160 -39.12 -16.89 -7.58
C ALA B 160 -40.15 -15.76 -7.44
N GLN B 161 -39.76 -14.71 -6.72
CA GLN B 161 -40.67 -13.64 -6.22
C GLN B 161 -41.80 -13.20 -7.17
N GLU B 162 -43.01 -13.14 -6.63
CA GLU B 162 -44.29 -13.03 -7.36
C GLU B 162 -44.54 -11.76 -8.22
N GLY B 163 -43.47 -11.00 -8.48
CA GLY B 163 -43.53 -9.89 -9.43
C GLY B 163 -43.36 -10.45 -10.83
N ASN B 164 -44.45 -10.41 -11.60
CA ASN B 164 -44.45 -10.82 -13.01
C ASN B 164 -44.75 -9.63 -13.91
N TYR B 165 -44.49 -9.79 -15.21
CA TYR B 165 -44.89 -8.82 -16.23
C TYR B 165 -45.36 -9.49 -17.52
N GLU B 166 -46.56 -9.11 -17.98
CA GLU B 166 -47.24 -9.84 -19.06
C GLU B 166 -47.57 -8.96 -20.26
N TYR B 167 -47.33 -9.49 -21.46
CA TYR B 167 -47.65 -8.80 -22.73
C TYR B 167 -48.25 -9.78 -23.74
N CYS B 168 -49.28 -9.34 -24.45
CA CYS B 168 -49.89 -10.14 -25.52
C CYS B 168 -48.95 -10.16 -26.71
N PHE B 169 -49.10 -11.18 -27.56
CA PHE B 169 -48.47 -11.25 -28.88
C PHE B 169 -48.65 -12.62 -29.55
N PHE B 170 -48.32 -12.70 -30.84
CA PHE B 170 -48.61 -13.89 -31.67
C PHE B 170 -47.35 -14.70 -31.96
N GLU B 171 -47.39 -16.00 -31.67
CA GLU B 171 -46.36 -16.91 -32.15
C GLU B 171 -46.73 -17.49 -33.51
N SER B 172 -45.71 -17.96 -34.25
CA SER B 172 -45.88 -18.66 -35.54
C SER B 172 -44.69 -19.57 -35.81
N GLU B 195 -50.06 -15.16 -38.21
CA GLU B 195 -50.01 -14.93 -36.77
C GLU B 195 -50.72 -16.06 -35.99
N ASP B 196 -50.33 -17.29 -36.31
CA ASP B 196 -50.97 -18.54 -35.85
C ASP B 196 -51.37 -18.64 -34.36
N VAL B 197 -50.41 -18.95 -33.48
CA VAL B 197 -50.71 -19.21 -32.05
C VAL B 197 -50.52 -17.99 -31.12
N ASP B 198 -51.62 -17.32 -30.77
CA ASP B 198 -51.57 -16.14 -29.91
C ASP B 198 -51.08 -16.51 -28.51
N GLU B 199 -50.06 -15.78 -28.03
CA GLU B 199 -49.43 -16.08 -26.73
C GLU B 199 -49.27 -14.90 -25.77
N VAL B 200 -48.99 -15.23 -24.51
CA VAL B 200 -48.63 -14.25 -23.50
C VAL B 200 -47.15 -14.47 -23.12
N LYS B 201 -46.36 -13.41 -23.31
CA LYS B 201 -44.97 -13.38 -22.88
C LYS B 201 -44.88 -12.88 -21.43
N ILE B 202 -44.49 -13.77 -20.54
CA ILE B 202 -44.34 -13.44 -19.13
C ILE B 202 -42.86 -13.22 -18.80
N GLU B 203 -42.60 -12.22 -17.96
CA GLU B 203 -41.23 -11.95 -17.52
C GLU B 203 -41.09 -11.63 -16.02
N PHE B 204 -39.95 -12.01 -15.47
CA PHE B 204 -39.61 -11.78 -14.08
C PHE B 204 -38.10 -11.81 -13.87
N MET B 205 -37.66 -11.40 -12.69
CA MET B 205 -36.25 -11.35 -12.32
C MET B 205 -35.86 -12.57 -11.50
N ILE B 206 -34.63 -13.04 -11.70
CA ILE B 206 -33.97 -13.97 -10.80
C ILE B 206 -32.53 -13.49 -10.54
N ASP B 207 -32.00 -13.86 -9.37
CA ASP B 207 -30.58 -13.68 -9.09
C ASP B 207 -29.81 -14.71 -9.88
N ALA B 208 -28.52 -14.47 -10.10
CA ALA B 208 -27.67 -15.38 -10.91
C ALA B 208 -27.61 -16.85 -10.43
N TYR B 209 -27.89 -17.10 -9.15
CA TYR B 209 -27.81 -18.47 -8.62
C TYR B 209 -29.05 -19.30 -8.96
N GLN B 210 -30.18 -18.62 -9.20
CA GLN B 210 -31.47 -19.28 -9.46
C GLN B 210 -31.66 -19.84 -10.88
N LYS B 211 -30.74 -19.51 -11.79
CA LYS B 211 -30.83 -19.93 -13.20
C LYS B 211 -31.21 -21.42 -13.36
N SER B 212 -30.47 -22.28 -12.66
CA SER B 212 -30.69 -23.73 -12.60
C SER B 212 -32.10 -24.13 -12.17
N ARG B 213 -32.54 -23.58 -11.03
CA ARG B 213 -33.87 -23.86 -10.49
C ARG B 213 -34.95 -23.38 -11.44
N ALA B 214 -34.78 -22.16 -11.97
CA ALA B 214 -35.71 -21.59 -12.92
C ALA B 214 -35.89 -22.47 -14.16
N GLU B 215 -34.80 -23.03 -14.68
CA GLU B 215 -34.86 -24.00 -15.78
C GLU B 215 -35.76 -25.20 -15.43
N GLN B 216 -35.47 -25.82 -14.29
CA GLN B 216 -36.26 -26.94 -13.77
C GLN B 216 -37.75 -26.60 -13.69
N LEU B 217 -38.08 -25.63 -12.85
CA LEU B 217 -39.46 -25.23 -12.58
C LEU B 217 -40.26 -24.83 -13.84
N ILE B 218 -39.60 -24.26 -14.83
CA ILE B 218 -40.29 -23.88 -16.08
C ILE B 218 -40.57 -25.14 -16.90
N LYS B 219 -39.59 -26.03 -16.98
CA LYS B 219 -39.77 -27.32 -17.67
C LYS B 219 -40.90 -28.16 -17.07
N GLN B 220 -40.97 -28.19 -15.74
CA GLN B 220 -41.94 -29.01 -15.00
C GLN B 220 -43.39 -28.55 -15.15
N TYR B 221 -43.63 -27.23 -15.14
CA TYR B 221 -45.01 -26.71 -15.17
C TYR B 221 -45.42 -25.99 -16.46
N HIS B 222 -44.62 -26.14 -17.52
CA HIS B 222 -44.94 -25.60 -18.86
C HIS B 222 -45.57 -26.73 -19.74
N PRO B 223 -45.83 -26.51 -21.07
CA PRO B 223 -46.25 -27.63 -21.93
C PRO B 223 -45.28 -28.19 -23.00
N TYR B 224 -45.16 -27.51 -24.14
CA TYR B 224 -44.92 -28.15 -25.47
C TYR B 224 -43.69 -29.07 -25.69
N GLU B 225 -43.61 -29.61 -26.91
CA GLU B 225 -42.42 -30.34 -27.37
C GLU B 225 -41.16 -29.50 -27.16
N THR B 226 -41.25 -28.22 -27.50
CA THR B 226 -40.17 -27.26 -27.27
C THR B 226 -40.72 -26.02 -26.52
N PRO B 227 -40.83 -26.10 -25.17
CA PRO B 227 -41.26 -24.96 -24.33
C PRO B 227 -40.23 -23.81 -24.39
N VAL B 228 -40.63 -22.68 -24.97
CA VAL B 228 -39.68 -21.55 -25.21
C VAL B 228 -39.48 -20.67 -23.98
N PHE B 229 -38.24 -20.63 -23.48
CA PHE B 229 -37.86 -19.75 -22.37
C PHE B 229 -36.45 -19.19 -22.53
N ASP B 230 -36.24 -17.95 -22.12
CA ASP B 230 -34.96 -17.26 -22.26
C ASP B 230 -34.50 -16.61 -20.96
N PHE B 231 -33.19 -16.66 -20.72
CA PHE B 231 -32.55 -15.96 -19.63
C PHE B 231 -31.69 -14.87 -20.24
N ILE B 232 -32.06 -13.63 -19.92
CA ILE B 232 -31.34 -12.47 -20.39
C ILE B 232 -30.57 -11.89 -19.22
N GLU B 233 -29.25 -11.89 -19.35
CA GLU B 233 -28.34 -11.30 -18.37
C GLU B 233 -28.60 -9.79 -18.21
N ILE B 234 -28.81 -9.40 -16.95
CA ILE B 234 -29.02 -8.02 -16.56
C ILE B 234 -27.94 -7.74 -15.49
N LYS B 235 -27.20 -6.65 -15.63
CA LYS B 235 -26.30 -6.23 -14.58
C LYS B 235 -26.89 -5.01 -13.91
N GLN B 236 -26.83 -5.00 -12.60
CA GLN B 236 -27.33 -3.90 -11.81
C GLN B 236 -26.21 -3.40 -10.93
N THR B 237 -26.16 -2.08 -10.74
CA THR B 237 -25.28 -1.41 -9.79
C THR B 237 -25.61 -1.86 -8.38
N SER B 238 -24.60 -2.34 -7.70
CA SER B 238 -24.76 -2.93 -6.38
C SER B 238 -24.89 -1.85 -5.32
N LEU B 239 -25.39 -2.20 -4.14
CA LEU B 239 -25.30 -1.29 -3.00
C LEU B 239 -23.91 -1.27 -2.31
N TYR B 240 -23.08 -2.26 -2.65
CA TYR B 240 -21.75 -2.49 -2.11
C TYR B 240 -20.72 -1.80 -2.97
N GLY B 241 -19.78 -1.09 -2.35
CA GLY B 241 -18.64 -0.60 -3.12
C GLY B 241 -17.56 -0.12 -2.16
N LEU B 242 -16.32 -0.12 -2.66
CA LEU B 242 -15.14 0.30 -1.91
C LEU B 242 -14.99 1.83 -1.83
N GLY B 243 -15.32 2.36 -0.66
CA GLY B 243 -15.19 3.77 -0.43
C GLY B 243 -16.54 4.44 -0.26
N VAL B 244 -16.48 5.67 0.24
CA VAL B 244 -17.63 6.59 0.26
C VAL B 244 -17.19 7.95 -0.24
N MET B 245 -18.16 8.69 -0.79
CA MET B 245 -18.00 10.12 -1.06
C MET B 245 -18.88 10.82 -0.03
N ALA B 246 -18.40 11.88 0.60
CA ALA B 246 -19.23 12.64 1.52
C ALA B 246 -18.84 14.11 1.40
N GLU B 247 -19.43 14.95 2.23
CA GLU B 247 -19.03 16.35 2.26
C GLU B 247 -18.96 16.93 3.64
N VAL B 248 -18.14 17.95 3.77
CA VAL B 248 -18.05 18.66 5.04
C VAL B 248 -19.29 19.52 5.12
N ASP B 249 -19.70 19.82 6.36
CA ASP B 249 -20.81 20.74 6.65
C ASP B 249 -20.57 22.05 5.92
N ASN B 250 -19.43 22.66 6.26
CA ASN B 250 -18.97 23.93 5.73
C ASN B 250 -17.63 23.73 5.03
N GLN B 251 -17.54 24.16 3.78
CA GLN B 251 -16.28 24.30 3.06
C GLN B 251 -15.14 24.82 3.96
N MET B 252 -13.97 24.20 3.76
CA MET B 252 -12.84 24.26 4.67
C MET B 252 -11.58 24.20 3.86
N THR B 253 -10.48 24.67 4.44
CA THR B 253 -9.18 24.51 3.79
C THR B 253 -8.71 23.06 4.01
N LEU B 254 -7.94 22.53 3.06
CA LEU B 254 -7.26 21.26 3.24
C LEU B 254 -6.55 21.09 4.62
N GLU B 255 -5.67 22.02 5.02
CA GLU B 255 -5.01 21.85 6.30
C GLU B 255 -5.96 21.85 7.49
N ASP B 256 -7.04 22.62 7.41
CA ASP B 256 -8.01 22.68 8.51
C ASP B 256 -8.82 21.38 8.59
N PHE B 257 -9.21 20.87 7.43
CA PHE B 257 -9.86 19.56 7.33
C PHE B 257 -8.95 18.44 7.87
N ALA B 258 -7.69 18.41 7.42
CA ALA B 258 -6.71 17.51 8.03
C ALA B 258 -6.59 17.59 9.58
N ALA B 259 -6.53 18.82 10.14
CA ALA B 259 -6.40 18.98 11.61
C ALA B 259 -7.66 18.53 12.31
N ASP B 260 -8.80 18.82 11.70
CA ASP B 260 -10.09 18.41 12.25
C ASP B 260 -10.23 16.89 12.41
N ILE B 261 -9.87 16.15 11.37
CA ILE B 261 -10.06 14.71 11.40
C ILE B 261 -8.97 14.03 12.26
N LYS B 262 -7.79 14.66 12.37
CA LYS B 262 -6.74 14.18 13.28
C LYS B 262 -7.28 14.19 14.70
N SER B 263 -7.95 15.29 15.06
CA SER B 263 -8.56 15.42 16.38
C SER B 263 -9.74 14.43 16.60
N LYS B 264 -10.65 14.36 15.64
CA LYS B 264 -11.84 13.52 15.76
C LYS B 264 -11.51 12.03 15.86
N LEU B 265 -10.50 11.58 15.10
CA LEU B 265 -10.08 10.19 15.17
C LEU B 265 -8.92 9.89 16.13
N ASN B 266 -8.47 10.93 16.86
CA ASN B 266 -7.40 10.83 17.86
C ASN B 266 -6.10 10.29 17.28
N ILE B 267 -5.68 10.89 16.17
CA ILE B 267 -4.52 10.40 15.46
C ILE B 267 -3.29 11.14 15.90
N PRO B 268 -2.20 10.39 16.27
CA PRO B 268 -0.95 11.06 16.71
C PRO B 268 -0.33 12.00 15.67
N SER B 269 -0.43 11.65 14.39
CA SER B 269 0.23 12.41 13.32
C SER B 269 -0.58 12.17 12.05
N VAL B 270 -0.89 13.26 11.33
CA VAL B 270 -1.51 13.22 10.03
C VAL B 270 -0.58 13.94 9.04
N ARG B 271 -0.60 13.53 7.77
CA ARG B 271 0.14 14.25 6.71
C ARG B 271 -0.78 14.42 5.47
N PHE B 272 -0.62 15.55 4.76
CA PHE B 272 -1.50 15.78 3.64
C PHE B 272 -0.67 16.21 2.44
N VAL B 273 -1.24 16.03 1.27
CA VAL B 273 -0.57 16.39 0.04
C VAL B 273 -1.49 17.36 -0.64
N GLY B 274 -0.98 18.56 -0.89
CA GLY B 274 -1.76 19.61 -1.56
C GLY B 274 -1.48 20.96 -0.93
N GLU B 275 -1.94 22.03 -1.59
CA GLU B 275 -1.79 23.40 -1.07
C GLU B 275 -2.61 23.46 0.23
N SER B 276 -1.98 23.91 1.32
CA SER B 276 -2.60 23.93 2.65
C SER B 276 -3.90 24.77 2.69
N ASN B 277 -4.00 25.76 1.80
CA ASN B 277 -5.19 26.60 1.74
C ASN B 277 -6.23 26.19 0.68
N GLN B 278 -6.04 24.99 0.13
CA GLN B 278 -6.96 24.47 -0.89
C GLN B 278 -8.35 24.33 -0.25
N LYS B 279 -9.38 24.79 -0.96
CA LYS B 279 -10.74 24.67 -0.48
C LYS B 279 -11.29 23.27 -0.80
N ILE B 280 -11.92 22.67 0.21
CA ILE B 280 -12.33 21.27 0.26
C ILE B 280 -13.82 21.28 0.56
N LYS B 281 -14.62 20.64 -0.27
CA LYS B 281 -16.00 20.32 0.11
C LYS B 281 -16.32 18.82 0.02
N ARG B 282 -15.97 18.18 -1.10
CA ARG B 282 -16.29 16.77 -1.29
C ARG B 282 -15.07 15.91 -1.00
N ILE B 283 -15.28 14.88 -0.18
CA ILE B 283 -14.25 13.99 0.36
C ILE B 283 -14.51 12.53 -0.03
N ALA B 284 -13.51 11.88 -0.62
CA ALA B 284 -13.56 10.42 -0.85
C ALA B 284 -12.71 9.75 0.23
N ILE B 285 -13.18 8.64 0.78
CA ILE B 285 -12.51 7.95 1.89
C ILE B 285 -12.42 6.47 1.60
N ILE B 286 -11.21 5.93 1.57
CA ILE B 286 -11.02 4.49 1.62
C ILE B 286 -10.07 4.18 2.79
N GLY B 287 -10.61 3.67 3.88
CA GLY B 287 -9.77 3.43 5.04
C GLY B 287 -8.86 2.27 4.74
N GLY B 288 -7.68 2.26 5.35
CA GLY B 288 -6.77 1.13 5.11
C GLY B 288 -5.63 1.59 4.22
N SER B 289 -5.55 0.98 3.05
CA SER B 289 -4.53 1.32 2.07
C SER B 289 -5.26 1.44 0.74
N GLY B 290 -5.73 2.64 0.41
CA GLY B 290 -6.56 2.84 -0.80
C GLY B 290 -5.88 3.54 -1.96
N ILE B 291 -4.57 3.78 -1.84
CA ILE B 291 -3.82 4.36 -2.97
C ILE B 291 -3.99 3.43 -4.20
N GLY B 292 -4.25 4.04 -5.37
CA GLY B 292 -4.64 3.32 -6.57
C GLY B 292 -6.01 3.85 -6.97
N TYR B 293 -6.79 4.37 -6.01
CA TYR B 293 -8.12 4.92 -6.31
C TYR B 293 -8.24 6.44 -6.35
N GLU B 294 -7.14 7.15 -6.08
CA GLU B 294 -7.22 8.61 -5.87
C GLU B 294 -7.58 9.39 -7.14
N TYR B 295 -7.05 8.93 -8.28
CA TYR B 295 -7.34 9.58 -9.56
C TYR B 295 -8.82 9.40 -9.94
N GLN B 296 -9.35 8.19 -9.73
CA GLN B 296 -10.76 7.89 -9.96
C GLN B 296 -11.66 8.69 -9.03
N ALA B 297 -11.25 8.79 -7.77
CA ALA B 297 -11.96 9.61 -6.79
C ALA B 297 -12.07 11.06 -7.27
N VAL B 298 -10.98 11.60 -7.79
CA VAL B 298 -11.02 12.98 -8.37
C VAL B 298 -12.00 13.03 -9.56
N GLN B 299 -11.93 12.04 -10.45
CA GLN B 299 -12.92 11.90 -11.58
C GLN B 299 -14.37 11.91 -11.03
N GLN B 300 -14.59 11.19 -9.91
CA GLN B 300 -15.90 11.02 -9.29
C GLN B 300 -16.33 12.30 -8.55
N GLY B 301 -15.46 13.33 -8.50
CA GLY B 301 -15.83 14.60 -7.87
C GLY B 301 -15.18 14.97 -6.53
N ALA B 302 -14.21 14.17 -6.05
CA ALA B 302 -13.60 14.46 -4.75
C ALA B 302 -12.67 15.63 -4.86
N ASP B 303 -12.64 16.47 -3.84
CA ASP B 303 -11.59 17.48 -3.62
C ASP B 303 -10.35 16.95 -2.90
N VAL B 304 -10.51 15.82 -2.21
CA VAL B 304 -9.40 15.17 -1.48
C VAL B 304 -9.75 13.70 -1.32
N PHE B 305 -8.72 12.87 -1.36
CA PHE B 305 -8.81 11.45 -1.16
C PHE B 305 -8.15 11.12 0.17
N VAL B 306 -8.94 10.53 1.07
CA VAL B 306 -8.48 10.25 2.43
C VAL B 306 -8.24 8.72 2.54
N THR B 307 -7.04 8.32 2.98
CA THR B 307 -6.67 6.90 3.09
C THR B 307 -5.51 6.73 4.06
N GLY B 308 -4.92 5.53 4.13
CA GLY B 308 -3.68 5.38 4.93
C GLY B 308 -2.58 4.76 4.11
N ASP B 309 -1.41 4.53 4.74
CA ASP B 309 -0.23 3.89 4.14
C ASP B 309 0.19 4.59 2.84
N ILE B 310 0.12 5.92 2.79
CA ILE B 310 0.58 6.63 1.59
C ILE B 310 2.11 6.69 1.55
N LYS B 311 2.68 6.31 0.42
CA LYS B 311 4.12 6.30 0.22
C LYS B 311 4.63 7.48 -0.62
N HIS B 312 5.90 7.82 -0.43
CA HIS B 312 6.52 8.98 -1.08
C HIS B 312 6.19 9.15 -2.56
N HIS B 313 6.46 8.14 -3.39
CA HIS B 313 6.37 8.35 -4.84
C HIS B 313 4.93 8.51 -5.26
N ASP B 314 4.01 7.82 -4.57
CA ASP B 314 2.60 8.07 -4.89
C ASP B 314 2.07 9.44 -4.46
N ALA B 315 2.56 9.92 -3.33
CA ALA B 315 2.27 11.30 -2.90
C ALA B 315 2.91 12.33 -3.87
N LEU B 316 4.15 12.06 -4.29
CA LEU B 316 4.83 12.94 -5.26
C LEU B 316 4.03 13.08 -6.56
N ASP B 317 3.62 11.95 -7.12
CA ASP B 317 2.71 11.87 -8.30
C ASP B 317 1.40 12.63 -8.07
N ALA B 318 0.74 12.38 -6.92
CA ALA B 318 -0.50 13.09 -6.61
C ALA B 318 -0.26 14.61 -6.60
N LYS B 319 0.80 15.05 -5.92
CA LYS B 319 1.12 16.48 -5.83
C LYS B 319 1.25 17.14 -7.22
N ILE B 320 2.09 16.55 -8.07
CA ILE B 320 2.29 17.10 -9.41
C ILE B 320 1.02 17.13 -10.24
N HIS B 321 0.08 16.21 -9.95
CA HIS B 321 -1.16 16.19 -10.71
C HIS B 321 -2.27 16.98 -10.08
N GLY B 322 -2.01 17.64 -8.94
CA GLY B 322 -3.02 18.36 -8.23
C GLY B 322 -4.05 17.50 -7.55
N VAL B 323 -3.77 16.22 -7.33
CA VAL B 323 -4.67 15.33 -6.56
C VAL B 323 -4.36 15.49 -5.04
N ASN B 324 -5.34 15.96 -4.27
CA ASN B 324 -5.11 16.20 -2.88
C ASN B 324 -5.31 14.95 -2.04
N LEU B 325 -4.40 14.69 -1.11
CA LEU B 325 -4.45 13.48 -0.29
C LEU B 325 -4.33 13.83 1.16
N ILE B 326 -4.95 13.01 2.02
CA ILE B 326 -4.66 12.97 3.45
C ILE B 326 -4.43 11.51 3.84
N ASP B 327 -3.29 11.27 4.47
CA ASP B 327 -2.98 10.01 5.11
C ASP B 327 -3.42 10.11 6.57
N ILE B 328 -4.52 9.44 6.91
CA ILE B 328 -4.97 9.33 8.31
C ILE B 328 -4.40 8.07 9.00
N ASN B 329 -3.49 7.38 8.28
CA ASN B 329 -2.90 6.10 8.72
C ASN B 329 -3.86 4.92 8.55
N HIS B 330 -3.31 3.79 8.14
CA HIS B 330 -4.11 2.56 7.96
C HIS B 330 -4.78 2.24 9.29
N TYR B 331 -4.05 2.49 10.40
CA TYR B 331 -4.57 2.18 11.70
C TYR B 331 -5.93 2.86 12.04
N SER B 332 -6.29 3.93 11.33
CA SER B 332 -7.60 4.55 11.55
C SER B 332 -8.79 3.67 11.22
N GLU B 333 -8.59 2.52 10.54
CA GLU B 333 -9.66 1.50 10.46
C GLU B 333 -10.15 0.99 11.84
N TYR B 334 -9.44 1.36 12.91
CA TYR B 334 -9.79 0.90 14.29
C TYR B 334 -11.19 1.37 14.67
N VAL B 335 -11.73 2.38 13.96
CA VAL B 335 -13.08 2.83 14.20
C VAL B 335 -14.11 1.71 14.06
N MET B 336 -13.78 0.64 13.32
CA MET B 336 -14.76 -0.44 13.15
C MET B 336 -14.99 -1.29 14.42
N LYS B 337 -14.18 -1.15 15.46
CA LYS B 337 -14.38 -2.00 16.64
C LYS B 337 -15.67 -1.54 17.33
N GLU B 338 -15.76 -0.24 17.63
CA GLU B 338 -16.99 0.35 18.17
C GLU B 338 -18.09 0.36 17.13
N GLY B 339 -17.75 0.67 15.88
CA GLY B 339 -18.76 0.66 14.81
C GLY B 339 -19.44 -0.71 14.68
N LEU B 340 -18.65 -1.77 14.63
CA LEU B 340 -19.24 -3.12 14.46
C LEU B 340 -19.94 -3.60 15.74
N LYS B 341 -19.38 -3.25 16.90
CA LYS B 341 -20.05 -3.51 18.15
C LYS B 341 -21.49 -2.95 18.13
N THR B 342 -21.61 -1.67 17.74
CA THR B 342 -22.93 -1.00 17.60
C THR B 342 -23.84 -1.71 16.60
N LEU B 343 -23.32 -2.00 15.41
CA LEU B 343 -24.08 -2.81 14.45
C LEU B 343 -24.56 -4.14 15.06
N LEU B 344 -23.64 -4.91 15.62
CA LEU B 344 -23.99 -6.25 16.10
C LEU B 344 -25.01 -6.23 17.25
N MET B 345 -24.86 -5.28 18.16
CA MET B 345 -25.86 -5.06 19.22
C MET B 345 -27.26 -4.75 18.66
N ASN B 346 -27.33 -3.93 17.61
CA ASN B 346 -28.59 -3.69 16.89
C ASN B 346 -29.15 -4.96 16.26
N TRP B 347 -28.31 -5.71 15.55
CA TRP B 347 -28.77 -6.96 14.90
C TRP B 347 -29.22 -8.00 15.92
N PHE B 348 -28.53 -8.06 17.06
CA PHE B 348 -28.86 -8.96 18.16
C PHE B 348 -30.19 -8.53 18.81
N ASN B 349 -30.40 -7.21 18.95
CA ASN B 349 -31.67 -6.66 19.48
C ASN B 349 -32.83 -7.17 18.62
N ILE B 350 -32.81 -6.82 17.34
CA ILE B 350 -33.81 -7.33 16.40
C ILE B 350 -34.12 -8.79 16.70
N GLU B 351 -33.10 -9.64 16.72
CA GLU B 351 -33.33 -11.08 16.76
C GLU B 351 -33.59 -11.57 18.20
N LYS B 352 -33.64 -10.63 19.14
CA LYS B 352 -33.77 -10.88 20.57
C LYS B 352 -32.73 -11.84 21.10
N ILE B 353 -31.46 -11.48 20.91
CA ILE B 353 -30.30 -12.25 21.39
C ILE B 353 -29.63 -11.39 22.44
N ASN B 354 -29.31 -12.02 23.58
CA ASN B 354 -28.82 -11.32 24.76
C ASN B 354 -27.30 -11.40 24.95
N ILE B 355 -26.61 -11.94 23.96
CA ILE B 355 -25.17 -12.13 24.03
C ILE B 355 -24.47 -10.78 24.04
N ASP B 356 -23.52 -10.62 24.97
CA ASP B 356 -22.72 -9.41 25.13
C ASP B 356 -21.77 -9.22 23.94
N VAL B 357 -21.62 -7.97 23.52
CA VAL B 357 -20.67 -7.56 22.50
C VAL B 357 -19.87 -6.37 23.09
N GLU B 358 -18.55 -6.41 22.99
CA GLU B 358 -17.69 -5.34 23.47
C GLU B 358 -16.66 -5.07 22.38
N ALA B 359 -16.32 -3.80 22.20
CA ALA B 359 -15.22 -3.43 21.33
C ALA B 359 -13.92 -3.56 22.14
N SER B 360 -12.94 -4.27 21.60
CA SER B 360 -11.60 -4.33 22.24
C SER B 360 -11.05 -2.91 22.43
N THR B 361 -10.56 -2.65 23.65
CA THR B 361 -9.98 -1.35 24.05
C THR B 361 -8.50 -1.30 23.82
N ILE B 362 -7.89 -2.41 23.43
CA ILE B 362 -6.46 -2.40 23.19
C ILE B 362 -6.07 -1.59 21.94
N ASN B 363 -5.19 -0.61 22.12
CA ASN B 363 -4.53 0.01 20.98
C ASN B 363 -3.51 -0.96 20.37
N THR B 364 -3.80 -1.48 19.18
CA THR B 364 -3.00 -2.55 18.58
C THR B 364 -2.10 -1.97 17.45
N ASP B 365 -1.97 -0.65 17.38
CA ASP B 365 -1.17 -0.02 16.33
C ASP B 365 0.23 -0.46 16.60
N PRO B 366 0.91 -1.09 15.61
CA PRO B 366 2.32 -1.41 15.75
C PRO B 366 3.25 -0.19 15.84
N PHE B 367 2.80 0.95 15.30
CA PHE B 367 3.53 2.18 15.32
C PHE B 367 3.30 2.93 16.65
N GLN B 368 4.38 3.47 17.17
CA GLN B 368 4.36 4.53 18.20
C GLN B 368 5.01 5.80 17.59
N TYR B 369 4.32 6.92 17.70
CA TYR B 369 4.69 8.17 17.10
C TYR B 369 5.42 9.06 18.06
N ILE B 370 6.46 9.70 17.56
CA ILE B 370 7.21 10.70 18.33
C ILE B 370 7.56 11.98 17.53
ZN ZN C . 17.62 5.60 -2.63
ZN ZN D . 14.18 6.54 -2.99
ZN ZN E . -6.90 -2.81 6.38
ZN ZN F . -10.31 -2.50 5.48
#